data_1ECC
#
_entry.id   1ECC
#
_cell.length_a   78.200
_cell.length_b   78.200
_cell.length_c   308.800
_cell.angle_alpha   90.00
_cell.angle_beta   90.00
_cell.angle_gamma   90.00
#
_symmetry.space_group_name_H-M   'P 43 21 2'
#
loop_
_entity.id
_entity.type
_entity.pdbx_description
1 polymer 'GLUTAMINE PHOSPHORIBOSYLPYROPHOSPHATE AMIDOTRANSFERASE'
2 non-polymer 'MANGANESE (II) ION'
3 non-polymer 5-OXO-L-NORLEUCINE
4 non-polymer 1-ALPHA-PYROPHOSPHORYL-2-ALPHA,3-ALPHA-DIHYDROXY-4-BETA-CYCLOPENTANE-METHANOL-5-PHOSPHATE
5 water water
#
_entity_poly.entity_id   1
_entity_poly.type   'polypeptide(L)'
_entity_poly.pdbx_seq_one_letter_code
;CGIVGIAGVMPVNQSIYDALTVLQHRGQDAAGIITIDANNCFRLRKANGLVSDVFEARHMQRLQGNMGIGHVRYPTAGSS
SASEAQPFYVNSPYGITLAHNGNLTNAHELRKKLFEEKRRHINTTSDSEILLNIFASELDNFRHYPLEADNIFAAIAATN
RLIRGAYACVAMIIGHGMVAFRDPNGIRPLVLGKRDIDENRTEYMVASESVALDTLGFDFLRDVAPGEAIYITEEGQLFT
RQCADNPVSNPCLFEYVYFARPDSFIDKISVYSARVNMGTKLGEKIAREWEDLDIDVVIPIPETSCDIALEIARILGKPY
RQGFVKNRYVGRTFIMPGQQLRRKSVRRKLNANRAEFRDKNVLLVDDSIVRGTTSEQIIEMAREAGAKKVYLASAAPEIR
FPNVYGIDMPSATELIAHGREVDEIRQIIGADGLIFQDLNDLIDAVRAENPDIQQFECSVFNGVYVTKDVDQGYLDFLDT
LRNDDAKAVQRQNEVENLEMHNEG
;
_entity_poly.pdbx_strand_id   A,B
#
# COMPACT_ATOMS: atom_id res chain seq x y z
N CYS A 1 6.43 12.21 11.20
CA CYS A 1 5.81 13.30 10.40
C CYS A 1 6.79 13.64 9.34
N GLY A 2 6.31 14.30 8.28
CA GLY A 2 7.14 14.70 7.16
C GLY A 2 6.80 16.13 6.77
N ILE A 3 7.80 16.96 6.51
CA ILE A 3 7.55 18.34 6.11
C ILE A 3 8.26 18.57 4.80
N VAL A 4 7.69 19.46 4.00
CA VAL A 4 8.23 19.81 2.70
C VAL A 4 8.02 21.30 2.63
N GLY A 5 8.82 21.98 1.84
CA GLY A 5 8.66 23.40 1.71
C GLY A 5 9.31 23.66 0.40
N ILE A 6 8.60 24.34 -0.51
CA ILE A 6 9.16 24.66 -1.81
C ILE A 6 9.00 26.12 -2.09
N ALA A 7 10.10 26.75 -2.43
CA ALA A 7 10.14 28.14 -2.78
C ALA A 7 10.59 28.08 -4.25
N GLY A 8 9.64 28.22 -5.18
CA GLY A 8 10.00 28.13 -6.59
C GLY A 8 9.33 29.14 -7.51
N VAL A 9 9.42 28.92 -8.80
CA VAL A 9 8.82 29.84 -9.74
C VAL A 9 7.54 29.30 -10.37
N MET A 10 7.28 28.03 -10.13
CA MET A 10 6.09 27.39 -10.66
C MET A 10 5.13 27.12 -9.50
N PRO A 11 3.86 26.83 -9.80
CA PRO A 11 2.92 26.55 -8.72
C PRO A 11 3.44 25.30 -8.04
N VAL A 12 3.50 25.30 -6.73
CA VAL A 12 4.04 24.16 -6.00
C VAL A 12 3.07 23.10 -5.50
N ASN A 13 1.78 23.38 -5.55
CA ASN A 13 0.77 22.46 -5.03
C ASN A 13 0.90 21.00 -5.39
N GLN A 14 1.05 20.74 -6.68
CA GLN A 14 1.15 19.38 -7.15
C GLN A 14 2.44 18.76 -6.62
N SER A 15 3.52 19.53 -6.72
CA SER A 15 4.83 19.10 -6.29
C SER A 15 4.81 18.82 -4.81
N ILE A 16 4.13 19.66 -4.04
CA ILE A 16 4.05 19.45 -2.61
C ILE A 16 3.23 18.20 -2.36
N TYR A 17 2.17 18.02 -3.15
CA TYR A 17 1.32 16.83 -3.02
C TYR A 17 2.16 15.55 -3.25
N ASP A 18 2.88 15.52 -4.37
CA ASP A 18 3.70 14.35 -4.73
C ASP A 18 4.79 14.11 -3.72
N ALA A 19 5.25 15.18 -3.08
CA ALA A 19 6.29 15.06 -2.08
C ALA A 19 5.69 14.44 -0.82
N LEU A 20 4.50 14.93 -0.45
CA LEU A 20 3.85 14.42 0.74
C LEU A 20 3.49 12.96 0.53
N THR A 21 3.26 12.60 -0.72
CA THR A 21 2.93 11.23 -1.07
C THR A 21 4.12 10.33 -0.84
N VAL A 22 5.30 10.76 -1.26
CA VAL A 22 6.51 9.95 -1.05
C VAL A 22 7.01 10.06 0.38
N LEU A 23 6.47 11.01 1.15
CA LEU A 23 6.84 11.13 2.55
C LEU A 23 5.68 10.64 3.39
N GLN A 24 4.67 10.10 2.72
CA GLN A 24 3.44 9.64 3.36
C GLN A 24 3.66 8.60 4.42
N HIS A 25 4.77 7.91 4.31
CA HIS A 25 5.11 6.85 5.25
C HIS A 25 5.52 7.40 6.63
N ARG A 26 5.65 8.71 6.69
CA ARG A 26 6.07 9.36 7.93
C ARG A 26 4.90 9.89 8.72
N GLY A 27 3.70 9.72 8.19
CA GLY A 27 2.55 10.22 8.86
C GLY A 27 1.31 9.98 8.03
N GLN A 28 0.58 8.93 8.40
CA GLN A 28 -0.63 8.56 7.70
C GLN A 28 -1.86 9.23 8.31
N ASP A 29 -1.69 9.94 9.43
CA ASP A 29 -2.83 10.52 10.10
C ASP A 29 -3.45 11.78 9.57
N ALA A 30 -2.65 12.66 9.01
CA ALA A 30 -3.19 13.93 8.52
C ALA A 30 -2.21 14.47 7.53
N ALA A 31 -2.65 15.45 6.75
CA ALA A 31 -1.81 16.06 5.77
C ALA A 31 -2.26 17.50 5.66
N GLY A 32 -1.30 18.36 5.34
CA GLY A 32 -1.60 19.77 5.20
C GLY A 32 -0.67 20.41 4.21
N ILE A 33 -1.22 21.35 3.45
CA ILE A 33 -0.46 22.11 2.46
C ILE A 33 -0.99 23.52 2.56
N ILE A 34 -0.08 24.48 2.62
CA ILE A 34 -0.50 25.86 2.66
C ILE A 34 0.42 26.59 1.71
N THR A 35 -0.17 27.41 0.86
CA THR A 35 0.63 28.12 -0.10
C THR A 35 0.41 29.61 0.06
N ILE A 36 1.16 30.39 -0.72
CA ILE A 36 1.06 31.84 -0.77
C ILE A 36 0.71 32.16 -2.21
N ASP A 37 -0.45 32.78 -2.43
CA ASP A 37 -0.87 33.12 -3.77
C ASP A 37 -0.24 34.46 -4.15
N ALA A 38 -0.41 34.87 -5.40
CA ALA A 38 0.13 36.13 -5.88
C ALA A 38 -0.36 37.34 -5.09
N ASN A 39 -1.47 37.21 -4.36
CA ASN A 39 -1.95 38.34 -3.56
C ASN A 39 -1.27 38.34 -2.21
N ASN A 40 -0.30 37.44 -2.02
CA ASN A 40 0.43 37.31 -0.75
C ASN A 40 -0.50 36.89 0.38
N CYS A 41 -1.41 35.99 0.04
CA CYS A 41 -2.39 35.40 0.94
C CYS A 41 -2.11 33.91 1.06
N PHE A 42 -2.42 33.37 2.22
CA PHE A 42 -2.24 31.96 2.48
C PHE A 42 -3.43 31.14 1.96
N ARG A 43 -3.13 30.02 1.34
CA ARG A 43 -4.15 29.11 0.81
C ARG A 43 -3.80 27.81 1.52
N LEU A 44 -4.66 27.39 2.43
CA LEU A 44 -4.42 26.19 3.22
C LEU A 44 -5.42 25.10 2.96
N ARG A 45 -4.95 23.89 3.17
CA ARG A 45 -5.76 22.70 3.07
C ARG A 45 -5.12 21.64 3.94
N LYS A 46 -5.71 21.40 5.09
CA LYS A 46 -5.19 20.38 5.98
C LYS A 46 -6.37 19.67 6.61
N ALA A 47 -6.25 18.36 6.79
CA ALA A 47 -7.31 17.57 7.43
C ALA A 47 -6.75 16.20 7.75
N ASN A 48 -7.47 15.48 8.60
CA ASN A 48 -7.10 14.13 8.96
C ASN A 48 -7.22 13.21 7.74
N GLY A 49 -6.26 12.29 7.60
CA GLY A 49 -6.28 11.33 6.51
C GLY A 49 -5.05 11.30 5.65
N LEU A 50 -5.01 10.38 4.69
CA LEU A 50 -3.86 10.27 3.79
C LEU A 50 -3.80 11.43 2.80
N VAL A 51 -2.69 11.58 2.09
CA VAL A 51 -2.52 12.66 1.14
C VAL A 51 -3.59 12.53 0.08
N SER A 52 -3.79 11.29 -0.37
CA SER A 52 -4.76 10.98 -1.42
C SER A 52 -6.20 11.28 -1.05
N ASP A 53 -6.52 11.19 0.23
CA ASP A 53 -7.86 11.49 0.71
C ASP A 53 -8.01 12.96 1.01
N VAL A 54 -7.00 13.52 1.63
CA VAL A 54 -7.07 14.91 2.03
C VAL A 54 -7.14 15.88 0.87
N PHE A 55 -6.37 15.62 -0.16
CA PHE A 55 -6.33 16.53 -1.29
C PHE A 55 -6.99 15.98 -2.53
N GLU A 56 -7.88 16.79 -3.07
CA GLU A 56 -8.63 16.47 -4.27
C GLU A 56 -8.51 17.71 -5.16
N ALA A 57 -8.86 17.55 -6.43
CA ALA A 57 -8.78 18.62 -7.43
C ALA A 57 -9.35 19.93 -6.93
N ARG A 58 -10.50 19.86 -6.27
CA ARG A 58 -11.13 21.05 -5.75
C ARG A 58 -10.15 21.82 -4.88
N HIS A 59 -9.42 21.09 -4.03
CA HIS A 59 -8.46 21.69 -3.13
C HIS A 59 -7.24 22.20 -3.84
N MET A 60 -6.70 21.37 -4.72
CA MET A 60 -5.51 21.73 -5.48
C MET A 60 -5.66 23.02 -6.28
N GLN A 61 -6.83 23.21 -6.87
CA GLN A 61 -7.06 24.41 -7.68
C GLN A 61 -7.04 25.71 -6.85
N ARG A 62 -7.29 25.54 -5.55
CA ARG A 62 -7.32 26.63 -4.58
C ARG A 62 -5.95 26.97 -4.01
N LEU A 63 -5.05 25.98 -4.02
CA LEU A 63 -3.70 26.11 -3.49
C LEU A 63 -2.77 26.72 -4.51
N GLN A 64 -2.96 28.01 -4.69
CA GLN A 64 -2.19 28.75 -5.65
C GLN A 64 -1.01 29.46 -5.05
N GLY A 65 -0.02 29.65 -5.90
CA GLY A 65 1.19 30.31 -5.49
C GLY A 65 2.36 29.43 -5.89
N ASN A 66 3.54 30.01 -5.77
CA ASN A 66 4.78 29.33 -6.11
C ASN A 66 5.57 28.96 -4.88
N MET A 67 5.05 29.29 -3.71
CA MET A 67 5.74 28.95 -2.47
C MET A 67 4.71 28.40 -1.50
N GLY A 68 5.02 27.23 -0.93
CA GLY A 68 4.12 26.62 0.02
C GLY A 68 4.84 25.56 0.82
N ILE A 69 4.27 25.15 1.93
CA ILE A 69 4.87 24.09 2.75
C ILE A 69 3.81 22.99 2.93
N GLY A 70 4.25 21.81 3.33
CA GLY A 70 3.33 20.71 3.50
C GLY A 70 3.71 19.91 4.71
N HIS A 71 2.77 19.11 5.20
CA HIS A 71 3.00 18.30 6.38
C HIS A 71 2.14 17.03 6.43
N VAL A 72 2.74 15.89 6.74
CA VAL A 72 2.01 14.62 6.91
C VAL A 72 2.25 14.26 8.40
N ARG A 73 1.15 14.20 9.16
CA ARG A 73 1.20 13.96 10.60
C ARG A 73 0.98 12.55 11.19
N TYR A 74 1.75 12.30 12.24
CA TYR A 74 1.76 11.10 13.03
C TYR A 74 1.77 11.77 14.41
N PRO A 75 0.60 11.93 15.02
CA PRO A 75 0.49 12.59 16.33
C PRO A 75 1.43 12.00 17.38
N THR A 76 2.13 12.90 18.08
CA THR A 76 3.06 12.54 19.15
C THR A 76 2.77 13.44 20.36
N ALA A 77 1.88 14.40 20.17
CA ALA A 77 1.47 15.34 21.21
C ALA A 77 0.00 15.75 20.97
N GLY A 78 -0.60 16.42 21.96
CA GLY A 78 -1.98 16.87 21.84
C GLY A 78 -3.00 15.76 21.68
N SER A 79 -3.72 15.78 20.56
CA SER A 79 -4.76 14.78 20.28
C SER A 79 -4.74 14.44 18.79
N SER A 80 -5.73 13.63 18.37
CA SER A 80 -5.83 13.23 16.97
C SER A 80 -6.67 14.18 16.14
N SER A 81 -7.19 15.21 16.81
CA SER A 81 -8.04 16.20 16.18
C SER A 81 -7.38 16.91 14.97
N ALA A 82 -8.16 17.07 13.91
CA ALA A 82 -7.69 17.74 12.70
C ALA A 82 -7.27 19.20 12.96
N SER A 83 -7.65 19.73 14.11
CA SER A 83 -7.29 21.09 14.47
C SER A 83 -5.79 21.15 14.78
N GLU A 84 -5.24 20.01 15.16
CA GLU A 84 -3.80 19.92 15.43
C GLU A 84 -3.07 19.41 14.21
N ALA A 85 -3.76 19.42 13.08
CA ALA A 85 -3.17 19.02 11.82
C ALA A 85 -2.35 20.24 11.49
N GLN A 86 -1.33 20.01 10.69
CA GLN A 86 -0.43 21.06 10.32
C GLN A 86 -0.48 21.29 8.83
N PRO A 87 0.05 22.43 8.38
CA PRO A 87 0.70 23.47 9.19
C PRO A 87 -0.21 24.38 9.97
N PHE A 88 0.41 25.11 10.89
CA PHE A 88 -0.26 26.11 11.73
C PHE A 88 0.13 27.46 11.23
N TYR A 89 -0.72 28.44 11.52
CA TYR A 89 -0.51 29.82 11.09
C TYR A 89 -0.86 30.85 12.16
N VAL A 90 -0.16 31.97 12.15
CA VAL A 90 -0.40 33.10 13.05
C VAL A 90 -0.32 34.32 12.11
N ASN A 91 -1.17 35.31 12.31
CA ASN A 91 -1.17 36.44 11.41
C ASN A 91 -0.25 37.57 11.74
N SER A 92 0.39 37.52 12.89
CA SER A 92 1.33 38.56 13.27
C SER A 92 2.48 37.98 14.08
N PRO A 93 3.71 38.49 13.87
CA PRO A 93 3.92 39.57 12.90
C PRO A 93 4.01 39.07 11.45
N TYR A 94 3.58 39.92 10.52
CA TYR A 94 3.63 39.64 9.08
C TYR A 94 2.83 38.51 8.48
N GLY A 95 2.57 37.45 9.25
CA GLY A 95 1.85 36.29 8.72
C GLY A 95 2.82 35.13 8.56
N ILE A 96 2.83 34.23 9.54
CA ILE A 96 3.74 33.10 9.52
C ILE A 96 2.97 31.81 9.61
N THR A 97 3.42 30.82 8.84
CA THR A 97 2.81 29.51 8.91
C THR A 97 3.98 28.54 9.06
N LEU A 98 3.86 27.59 9.98
CA LEU A 98 4.92 26.62 10.23
C LEU A 98 4.49 25.14 10.35
N ALA A 99 5.37 24.25 9.89
CA ALA A 99 5.22 22.80 9.94
C ALA A 99 6.46 22.26 10.68
N HIS A 100 6.23 21.38 11.65
CA HIS A 100 7.29 20.84 12.49
C HIS A 100 7.25 19.31 12.57
N ASN A 101 8.42 18.70 12.43
CA ASN A 101 8.60 17.26 12.59
C ASN A 101 9.50 17.15 13.80
N GLY A 102 8.93 16.71 14.91
CA GLY A 102 9.69 16.56 16.12
C GLY A 102 8.79 16.65 17.32
N ASN A 103 9.39 16.92 18.46
CA ASN A 103 8.65 17.03 19.70
C ASN A 103 9.42 17.95 20.63
N LEU A 104 8.74 18.89 21.23
CA LEU A 104 9.37 19.79 22.18
C LEU A 104 9.18 19.17 23.55
N THR A 105 10.26 19.10 24.31
CA THR A 105 10.27 18.50 25.63
C THR A 105 9.96 19.45 26.77
N ASN A 106 9.76 20.73 26.44
CA ASN A 106 9.46 21.73 27.46
C ASN A 106 8.23 22.52 27.08
N ALA A 107 7.20 21.81 26.61
CA ALA A 107 5.94 22.42 26.21
C ALA A 107 5.26 23.16 27.35
N HIS A 108 4.96 22.44 28.42
CA HIS A 108 4.29 22.99 29.62
C HIS A 108 4.91 24.33 30.04
N GLU A 109 6.24 24.32 30.16
CA GLU A 109 7.02 25.47 30.54
C GLU A 109 6.72 26.67 29.63
N LEU A 110 6.55 26.40 28.34
CA LEU A 110 6.28 27.45 27.35
C LEU A 110 4.84 27.92 27.24
N ARG A 111 3.88 27.04 27.50
CA ARG A 111 2.49 27.41 27.41
C ARG A 111 2.16 28.56 28.36
N LYS A 112 2.63 28.45 29.60
CA LYS A 112 2.43 29.47 30.62
C LYS A 112 3.09 30.78 30.19
N LYS A 113 4.34 30.65 29.75
CA LYS A 113 5.16 31.75 29.27
C LYS A 113 4.46 32.56 28.18
N LEU A 114 4.11 31.90 27.07
CA LEU A 114 3.45 32.54 25.93
C LEU A 114 2.30 33.47 26.25
N PHE A 115 1.49 33.14 27.25
CA PHE A 115 0.38 34.01 27.61
C PHE A 115 0.75 35.22 28.47
N GLU A 116 0.95 34.96 29.76
CA GLU A 116 1.27 36.02 30.69
C GLU A 116 2.45 36.87 30.24
N GLU A 117 3.44 36.23 29.64
CA GLU A 117 4.63 36.95 29.16
C GLU A 117 4.57 37.53 27.76
N LYS A 118 4.52 36.68 26.74
CA LYS A 118 4.52 37.14 25.34
C LYS A 118 3.17 37.49 24.69
N ARG A 119 2.08 37.41 25.46
CA ARG A 119 0.76 37.77 24.98
C ARG A 119 0.26 37.12 23.67
N ARG A 120 0.55 35.83 23.49
CA ARG A 120 0.12 35.04 22.32
C ARG A 120 -0.92 34.04 22.79
N HIS A 121 -1.71 33.55 21.85
CA HIS A 121 -2.72 32.58 22.19
C HIS A 121 -2.51 31.23 21.52
N ILE A 122 -2.48 30.19 22.34
CA ILE A 122 -2.29 28.84 21.85
C ILE A 122 -3.67 28.20 21.93
N ASN A 123 -4.23 27.78 20.81
CA ASN A 123 -5.56 27.21 20.91
C ASN A 123 -5.64 25.69 20.96
N THR A 124 -4.50 25.02 20.74
CA THR A 124 -4.48 23.56 20.77
C THR A 124 -3.52 23.07 21.84
N THR A 125 -3.33 21.75 21.85
CA THR A 125 -2.43 21.11 22.78
C THR A 125 -1.21 20.61 22.01
N SER A 126 -1.00 21.18 20.83
CA SER A 126 0.12 20.78 20.00
C SER A 126 1.34 21.65 20.24
N ASP A 127 2.46 20.99 20.48
CA ASP A 127 3.73 21.69 20.74
C ASP A 127 4.20 22.40 19.51
N SER A 128 3.81 21.87 18.35
CA SER A 128 4.18 22.52 17.09
C SER A 128 3.56 23.94 17.10
N GLU A 129 2.31 24.08 17.58
CA GLU A 129 1.65 25.39 17.63
C GLU A 129 2.41 26.34 18.56
N ILE A 130 2.85 25.81 19.69
CA ILE A 130 3.60 26.54 20.67
C ILE A 130 4.89 27.01 20.01
N LEU A 131 5.50 26.12 19.24
CA LEU A 131 6.74 26.42 18.57
C LEU A 131 6.60 27.58 17.61
N LEU A 132 5.51 27.58 16.85
CA LEU A 132 5.24 28.65 15.90
C LEU A 132 5.15 29.97 16.67
N ASN A 133 4.49 29.93 17.82
CA ASN A 133 4.32 31.13 18.62
C ASN A 133 5.56 31.71 19.27
N ILE A 134 6.56 30.87 19.54
CA ILE A 134 7.78 31.37 20.14
C ILE A 134 8.50 32.13 19.03
N PHE A 135 8.58 31.52 17.86
CA PHE A 135 9.21 32.13 16.69
C PHE A 135 8.52 33.44 16.37
N ALA A 136 7.22 33.42 16.55
CA ALA A 136 6.42 34.59 16.31
C ALA A 136 6.77 35.65 17.35
N SER A 137 6.61 35.32 18.63
CA SER A 137 6.92 36.28 19.69
C SER A 137 8.34 36.80 19.60
N GLU A 138 9.26 35.95 19.16
CA GLU A 138 10.63 36.37 19.00
C GLU A 138 10.70 37.31 17.81
N LEU A 139 10.07 36.88 16.72
CA LEU A 139 10.04 37.66 15.51
C LEU A 139 9.36 39.02 15.71
N ASP A 140 8.44 39.08 16.66
CA ASP A 140 7.69 40.28 16.98
C ASP A 140 8.52 41.31 17.78
N ASN A 141 9.83 41.06 17.89
CA ASN A 141 10.71 41.97 18.62
C ASN A 141 11.41 42.92 17.68
N PHE A 142 11.04 42.87 16.42
CA PHE A 142 11.63 43.72 15.42
C PHE A 142 10.53 44.48 14.71
N ARG A 143 10.75 45.78 14.50
CA ARG A 143 9.74 46.63 13.87
C ARG A 143 10.22 47.57 12.77
N HIS A 144 11.52 47.54 12.49
CA HIS A 144 12.10 48.42 11.48
C HIS A 144 11.67 48.07 10.04
N TYR A 145 10.48 47.48 9.90
CA TYR A 145 9.93 47.05 8.62
C TYR A 145 10.70 47.46 7.35
N PRO A 146 11.07 46.48 6.50
CA PRO A 146 10.79 45.05 6.68
C PRO A 146 11.87 44.27 7.46
N LEU A 147 11.52 43.05 7.86
CA LEU A 147 12.44 42.15 8.56
C LEU A 147 13.66 41.87 7.68
N GLU A 148 14.85 41.97 8.28
CA GLU A 148 16.07 41.65 7.56
C GLU A 148 16.36 40.18 7.85
N ALA A 149 17.05 39.50 6.94
CA ALA A 149 17.38 38.09 7.12
C ALA A 149 17.87 37.88 8.53
N ASP A 150 18.73 38.79 8.93
CA ASP A 150 19.33 38.80 10.24
C ASP A 150 18.35 38.75 11.40
N ASN A 151 17.25 39.47 11.28
CA ASN A 151 16.26 39.48 12.35
C ASN A 151 15.57 38.14 12.43
N ILE A 152 15.35 37.54 11.27
CA ILE A 152 14.70 36.25 11.20
C ILE A 152 15.57 35.30 11.96
N PHE A 153 16.86 35.27 11.59
CA PHE A 153 17.82 34.40 12.24
C PHE A 153 17.88 34.72 13.74
N ALA A 154 17.87 36.01 14.07
CA ALA A 154 17.90 36.45 15.46
C ALA A 154 16.70 35.87 16.22
N ALA A 155 15.53 35.84 15.57
CA ALA A 155 14.31 35.30 16.21
C ALA A 155 14.48 33.79 16.40
N ILE A 156 15.03 33.13 15.38
CA ILE A 156 15.25 31.69 15.44
C ILE A 156 16.23 31.30 16.55
N ALA A 157 17.33 32.06 16.69
CA ALA A 157 18.31 31.78 17.74
C ALA A 157 17.69 32.03 19.12
N ALA A 158 16.93 33.12 19.23
CA ALA A 158 16.24 33.47 20.47
C ALA A 158 15.24 32.36 20.77
N THR A 159 14.68 31.80 19.68
CA THR A 159 13.72 30.70 19.73
C THR A 159 14.40 29.46 20.29
N ASN A 160 15.48 29.03 19.67
CA ASN A 160 16.25 27.87 20.14
C ASN A 160 16.61 28.02 21.61
N ARG A 161 16.96 29.23 21.98
CA ARG A 161 17.29 29.55 23.37
C ARG A 161 16.12 29.14 24.24
N LEU A 162 14.91 29.39 23.74
CA LEU A 162 13.70 29.09 24.47
C LEU A 162 13.21 27.66 24.46
N ILE A 163 13.24 27.04 23.28
CA ILE A 163 12.73 25.68 23.14
C ILE A 163 13.71 24.56 23.37
N ARG A 164 13.16 23.40 23.72
CA ARG A 164 13.92 22.19 24.01
C ARG A 164 13.28 21.01 23.27
N GLY A 165 14.09 20.11 22.72
CA GLY A 165 13.53 18.96 22.03
C GLY A 165 14.03 18.78 20.62
N ALA A 166 13.30 17.99 19.83
CA ALA A 166 13.67 17.70 18.45
C ALA A 166 12.74 18.44 17.50
N TYR A 167 13.29 18.97 16.44
CA TYR A 167 12.48 19.68 15.50
C TYR A 167 13.15 20.02 14.20
N ALA A 168 12.49 19.63 13.13
CA ALA A 168 12.92 19.96 11.79
C ALA A 168 11.71 20.81 11.42
N CYS A 169 11.90 22.10 11.16
CA CYS A 169 10.77 22.98 10.83
C CYS A 169 10.96 23.75 9.55
N VAL A 170 9.84 24.13 8.96
CA VAL A 170 9.82 24.91 7.73
C VAL A 170 8.64 25.86 7.93
N ALA A 171 8.82 27.12 7.53
CA ALA A 171 7.78 28.12 7.68
C ALA A 171 7.83 29.13 6.55
N MET A 172 6.79 29.97 6.51
CA MET A 172 6.68 31.03 5.51
C MET A 172 6.21 32.28 6.21
N ILE A 173 6.93 33.36 5.93
CA ILE A 173 6.66 34.68 6.48
C ILE A 173 6.22 35.53 5.30
N ILE A 174 4.95 35.89 5.30
CA ILE A 174 4.35 36.68 4.24
C ILE A 174 5.19 37.92 3.97
N GLY A 175 5.58 38.10 2.70
CA GLY A 175 6.35 39.25 2.30
C GLY A 175 7.85 39.10 2.44
N HIS A 176 8.28 38.02 3.07
CA HIS A 176 9.71 37.82 3.25
C HIS A 176 10.12 36.55 2.59
N GLY A 177 9.56 35.42 3.01
CA GLY A 177 9.96 34.19 2.36
C GLY A 177 9.87 32.98 3.23
N MET A 178 10.52 31.92 2.77
CA MET A 178 10.53 30.63 3.46
C MET A 178 11.78 30.49 4.30
N VAL A 179 11.57 29.92 5.48
CA VAL A 179 12.65 29.68 6.43
C VAL A 179 12.55 28.22 6.86
N ALA A 180 13.66 27.63 7.23
CA ALA A 180 13.64 26.24 7.66
C ALA A 180 14.78 26.09 8.65
N PHE A 181 14.52 25.43 9.76
CA PHE A 181 15.58 25.26 10.72
C PHE A 181 15.51 23.87 11.29
N ARG A 182 16.62 23.46 11.90
CA ARG A 182 16.71 22.14 12.49
C ARG A 182 17.18 22.36 13.91
N ASP A 183 16.77 21.47 14.82
CA ASP A 183 17.15 21.56 16.22
C ASP A 183 18.66 21.48 16.38
N PRO A 184 19.20 22.13 17.43
CA PRO A 184 20.63 22.19 17.78
C PRO A 184 21.31 20.83 17.88
N ASN A 185 20.51 19.77 17.85
CA ASN A 185 21.00 18.41 17.93
C ASN A 185 20.88 17.65 16.62
N GLY A 186 20.23 18.25 15.62
CA GLY A 186 20.07 17.54 14.37
C GLY A 186 19.39 16.16 14.51
N ILE A 187 18.42 16.07 15.42
CA ILE A 187 17.67 14.82 15.65
C ILE A 187 16.72 14.51 14.51
N ARG A 188 15.85 15.47 14.22
CA ARG A 188 14.88 15.34 13.15
C ARG A 188 15.54 15.69 11.82
N PRO A 189 15.31 14.83 10.82
CA PRO A 189 15.86 14.97 9.47
C PRO A 189 15.32 16.15 8.66
N LEU A 190 16.20 16.76 7.90
CA LEU A 190 15.82 17.85 7.05
C LEU A 190 16.93 18.04 6.01
N VAL A 191 16.54 18.08 4.74
CA VAL A 191 17.49 18.28 3.64
C VAL A 191 17.04 19.39 2.75
N LEU A 192 18.01 20.02 2.12
CA LEU A 192 17.82 21.15 1.23
C LEU A 192 18.21 20.75 -0.17
N GLY A 193 17.57 21.34 -1.17
CA GLY A 193 17.85 21.04 -2.55
C GLY A 193 17.41 22.16 -3.45
N LYS A 194 17.78 22.10 -4.72
CA LYS A 194 17.40 23.16 -5.60
C LYS A 194 17.03 22.66 -6.97
N ARG A 195 16.50 23.57 -7.77
CA ARG A 195 16.14 23.27 -9.14
C ARG A 195 16.39 24.55 -9.93
N ASP A 196 17.60 24.66 -10.46
CA ASP A 196 17.94 25.82 -11.24
C ASP A 196 16.91 25.85 -12.34
N ILE A 197 16.41 27.03 -12.62
CA ILE A 197 15.41 27.21 -13.65
C ILE A 197 16.10 27.78 -14.89
N ASP A 198 16.92 28.82 -14.71
CA ASP A 198 17.62 29.45 -15.82
C ASP A 198 18.88 30.08 -15.28
N GLU A 199 19.35 31.11 -15.98
CA GLU A 199 20.56 31.88 -15.63
C GLU A 199 20.63 32.34 -14.15
N ASN A 200 19.48 32.49 -13.50
CA ASN A 200 19.44 32.98 -12.11
C ASN A 200 18.39 32.31 -11.22
N ARG A 201 17.16 32.23 -11.70
CA ARG A 201 16.10 31.62 -10.94
C ARG A 201 16.38 30.16 -10.66
N THR A 202 16.62 29.86 -9.38
CA THR A 202 16.86 28.51 -8.90
C THR A 202 15.81 28.28 -7.83
N GLU A 203 15.13 27.15 -7.95
CA GLU A 203 14.10 26.76 -7.00
C GLU A 203 14.71 26.05 -5.80
N TYR A 204 14.11 26.27 -4.64
CA TYR A 204 14.58 25.67 -3.40
C TYR A 204 13.50 24.89 -2.65
N MET A 205 13.87 23.72 -2.14
CA MET A 205 12.93 22.95 -1.34
C MET A 205 13.62 22.27 -0.16
N VAL A 206 12.86 22.06 0.90
CA VAL A 206 13.35 21.37 2.09
C VAL A 206 12.36 20.25 2.30
N ALA A 207 12.79 19.18 2.96
CA ALA A 207 11.93 18.04 3.16
C ALA A 207 12.56 17.09 4.15
N SER A 208 11.74 16.40 4.92
CA SER A 208 12.25 15.46 5.92
C SER A 208 13.24 14.45 5.30
N GLU A 209 12.99 14.03 4.05
CA GLU A 209 13.88 13.09 3.39
C GLU A 209 14.18 13.48 1.96
N SER A 210 15.34 13.02 1.49
CA SER A 210 15.80 13.29 0.14
C SER A 210 14.94 12.63 -0.96
N VAL A 211 14.21 11.57 -0.62
CA VAL A 211 13.37 10.95 -1.62
C VAL A 211 12.41 11.98 -2.21
N ALA A 212 12.01 12.96 -1.41
CA ALA A 212 11.08 14.00 -1.85
C ALA A 212 11.76 14.87 -2.89
N LEU A 213 13.09 14.99 -2.80
CA LEU A 213 13.85 15.78 -3.77
C LEU A 213 13.91 14.96 -5.05
N ASP A 214 14.28 13.70 -4.90
CA ASP A 214 14.39 12.78 -6.02
C ASP A 214 13.14 12.80 -6.85
N THR A 215 12.01 12.45 -6.25
CA THR A 215 10.80 12.44 -7.02
C THR A 215 10.52 13.80 -7.67
N LEU A 216 10.85 14.89 -6.99
CA LEU A 216 10.55 16.20 -7.57
C LEU A 216 11.55 16.73 -8.59
N GLY A 217 12.57 15.93 -8.88
CA GLY A 217 13.56 16.36 -9.83
C GLY A 217 14.37 17.52 -9.29
N PHE A 218 14.59 17.55 -7.98
CA PHE A 218 15.39 18.61 -7.37
C PHE A 218 16.82 18.13 -7.08
N ASP A 219 17.79 19.00 -7.30
CA ASP A 219 19.18 18.65 -7.04
C ASP A 219 19.44 18.65 -5.55
N PHE A 220 20.04 17.57 -5.05
CA PHE A 220 20.34 17.50 -3.62
C PHE A 220 21.43 18.47 -3.23
N LEU A 221 21.23 19.22 -2.16
CA LEU A 221 22.27 20.13 -1.71
C LEU A 221 22.96 19.50 -0.53
N ARG A 222 22.31 19.53 0.61
CA ARG A 222 22.93 18.94 1.79
C ARG A 222 21.89 18.85 2.86
N ASP A 223 22.26 18.23 3.98
CA ASP A 223 21.36 18.20 5.08
C ASP A 223 21.46 19.57 5.71
N VAL A 224 20.36 20.04 6.26
CA VAL A 224 20.36 21.32 6.94
C VAL A 224 21.16 20.96 8.16
N ALA A 225 22.24 21.68 8.39
CA ALA A 225 23.11 21.41 9.53
C ALA A 225 22.34 21.55 10.83
N PRO A 226 22.78 20.81 11.88
CA PRO A 226 22.10 20.91 13.17
C PRO A 226 22.05 22.40 13.61
N GLY A 227 20.92 22.85 14.12
CA GLY A 227 20.82 24.24 14.55
C GLY A 227 20.85 25.29 13.45
N GLU A 228 21.03 24.88 12.20
CA GLU A 228 21.06 25.85 11.12
C GLU A 228 19.67 26.33 10.75
N ALA A 229 19.59 27.52 10.17
CA ALA A 229 18.34 28.08 9.72
C ALA A 229 18.60 28.48 8.29
N ILE A 230 17.69 28.09 7.42
CA ILE A 230 17.75 28.38 6.00
C ILE A 230 16.69 29.43 5.75
N TYR A 231 16.98 30.39 4.90
CA TYR A 231 16.00 31.40 4.63
C TYR A 231 16.08 31.77 3.19
N ILE A 232 15.00 31.49 2.48
CA ILE A 232 14.93 31.85 1.09
C ILE A 232 13.95 33.01 1.08
N THR A 233 14.36 34.12 0.49
CA THR A 233 13.49 35.28 0.41
C THR A 233 12.54 35.07 -0.74
N GLU A 234 11.56 35.95 -0.83
CA GLU A 234 10.57 35.92 -1.89
C GLU A 234 11.20 36.20 -3.24
N GLU A 235 12.29 36.96 -3.22
CA GLU A 235 13.01 37.31 -4.44
C GLU A 235 13.98 36.20 -4.86
N GLY A 236 14.04 35.14 -4.05
CA GLY A 236 14.89 33.98 -4.36
C GLY A 236 16.22 33.79 -3.68
N GLN A 237 16.63 34.76 -2.84
CA GLN A 237 17.93 34.72 -2.16
C GLN A 237 18.01 33.71 -1.03
N LEU A 238 19.09 32.94 -1.00
CA LEU A 238 19.27 31.94 0.03
C LEU A 238 20.26 32.38 1.12
N PHE A 239 19.80 32.50 2.35
CA PHE A 239 20.65 32.87 3.47
C PHE A 239 20.60 31.71 4.46
N THR A 240 21.72 31.41 5.10
CA THR A 240 21.79 30.33 6.10
C THR A 240 22.54 30.87 7.29
N ARG A 241 22.22 30.36 8.46
CA ARG A 241 22.94 30.79 9.63
C ARG A 241 22.77 29.81 10.74
N GLN A 242 23.85 29.63 11.49
CA GLN A 242 23.83 28.74 12.63
C GLN A 242 23.08 29.49 13.74
N CYS A 243 21.98 28.93 14.22
CA CYS A 243 21.21 29.61 15.25
C CYS A 243 21.16 28.92 16.58
N ALA A 244 22.03 27.93 16.74
CA ALA A 244 22.11 27.18 17.98
C ALA A 244 23.43 27.56 18.63
N ASP A 245 23.46 27.52 19.96
CA ASP A 245 24.65 27.85 20.75
C ASP A 245 25.82 26.93 20.37
N ASN A 246 25.66 25.65 20.68
CA ASN A 246 26.67 24.63 20.34
C ASN A 246 25.97 23.45 19.72
N PRO A 247 25.72 23.53 18.41
CA PRO A 247 25.05 22.49 17.63
C PRO A 247 25.90 21.23 17.55
N VAL A 248 25.25 20.11 17.28
CA VAL A 248 25.92 18.82 17.20
C VAL A 248 25.00 17.87 16.44
N SER A 249 25.59 16.99 15.65
CA SER A 249 24.80 16.06 14.86
C SER A 249 24.52 14.79 15.65
N ASN A 250 23.27 14.62 16.07
CA ASN A 250 22.82 13.41 16.79
C ASN A 250 21.56 12.93 16.08
N PRO A 251 21.68 12.47 14.80
CA PRO A 251 20.56 11.99 14.00
C PRO A 251 19.75 10.90 14.71
N CYS A 252 18.44 10.90 14.49
CA CYS A 252 17.59 9.88 15.08
C CYS A 252 17.92 8.53 14.45
N LEU A 253 18.45 7.63 15.25
CA LEU A 253 18.83 6.30 14.78
C LEU A 253 17.62 5.55 14.18
N PHE A 254 16.47 5.74 14.81
CA PHE A 254 15.26 5.06 14.37
C PHE A 254 14.84 5.44 12.97
N GLU A 255 15.29 6.59 12.50
CA GLU A 255 14.96 6.97 11.15
C GLU A 255 15.54 5.90 10.22
N TYR A 256 16.75 5.43 10.52
CA TYR A 256 17.39 4.41 9.71
C TYR A 256 16.82 3.02 9.94
N VAL A 257 16.63 2.66 11.19
CA VAL A 257 16.09 1.35 11.53
C VAL A 257 14.75 1.06 10.89
N TYR A 258 13.87 2.05 10.90
CA TYR A 258 12.56 1.79 10.38
C TYR A 258 11.85 2.98 9.72
N PHE A 259 11.83 4.10 10.42
CA PHE A 259 11.12 5.26 9.94
C PHE A 259 11.27 5.75 8.49
N ALA A 260 12.49 6.07 8.08
CA ALA A 260 12.71 6.59 6.73
C ALA A 260 12.56 5.58 5.60
N ARG A 261 12.43 6.10 4.39
CA ARG A 261 12.34 5.27 3.22
C ARG A 261 13.79 4.97 2.87
N PRO A 262 14.06 3.76 2.41
CA PRO A 262 15.41 3.33 2.04
C PRO A 262 16.10 4.15 0.94
N ASP A 263 15.32 4.66 -0.01
CA ASP A 263 15.94 5.46 -1.07
C ASP A 263 16.28 6.89 -0.64
N SER A 264 16.26 7.13 0.66
CA SER A 264 16.59 8.43 1.25
C SER A 264 18.01 8.41 1.78
N PHE A 265 18.65 9.57 1.77
CA PHE A 265 20.00 9.70 2.31
C PHE A 265 19.92 10.74 3.43
N ILE A 266 20.04 10.28 4.67
CA ILE A 266 19.94 11.16 5.82
C ILE A 266 21.27 11.35 6.51
N ASP A 267 21.73 12.60 6.54
CA ASP A 267 23.00 12.97 7.12
C ASP A 267 24.11 12.23 6.37
N LYS A 268 24.02 12.31 5.05
CA LYS A 268 24.99 11.68 4.17
C LYS A 268 24.96 10.16 4.30
N ILE A 269 23.95 9.64 4.99
CA ILE A 269 23.81 8.20 5.15
C ILE A 269 22.62 7.66 4.35
N SER A 270 22.85 6.61 3.60
CA SER A 270 21.80 6.00 2.80
C SER A 270 21.02 5.01 3.70
N VAL A 271 19.71 5.19 3.80
CA VAL A 271 18.91 4.31 4.64
C VAL A 271 18.99 2.88 4.06
N TYR A 272 19.05 2.77 2.75
CA TYR A 272 19.11 1.46 2.13
C TYR A 272 20.35 0.71 2.56
N SER A 273 21.51 1.37 2.50
CA SER A 273 22.77 0.74 2.87
C SER A 273 22.82 0.45 4.34
N ALA A 274 22.34 1.40 5.12
CA ALA A 274 22.34 1.24 6.54
C ALA A 274 21.57 -0.03 6.89
N ARG A 275 20.45 -0.22 6.21
CA ARG A 275 19.64 -1.40 6.46
C ARG A 275 20.30 -2.72 6.03
N VAL A 276 20.91 -2.74 4.85
CA VAL A 276 21.60 -3.93 4.40
C VAL A 276 22.67 -4.20 5.44
N ASN A 277 23.34 -3.11 5.86
CA ASN A 277 24.43 -3.14 6.85
C ASN A 277 23.93 -3.78 8.12
N MET A 278 22.71 -3.43 8.51
CA MET A 278 22.12 -4.00 9.70
C MET A 278 22.00 -5.50 9.45
N GLY A 279 21.50 -5.88 8.27
CA GLY A 279 21.39 -7.27 7.94
C GLY A 279 22.75 -7.97 7.93
N THR A 280 23.80 -7.25 7.55
CA THR A 280 25.11 -7.87 7.58
C THR A 280 25.47 -8.14 9.05
N LYS A 281 25.32 -7.14 9.90
CA LYS A 281 25.61 -7.31 11.32
C LYS A 281 24.71 -8.36 11.98
N LEU A 282 23.45 -8.39 11.59
CA LEU A 282 22.50 -9.33 12.15
C LEU A 282 22.84 -10.71 11.66
N GLY A 283 23.15 -10.78 10.37
CA GLY A 283 23.52 -12.04 9.76
C GLY A 283 24.76 -12.65 10.40
N GLU A 284 25.74 -11.79 10.70
CA GLU A 284 26.99 -12.23 11.31
C GLU A 284 26.80 -12.62 12.73
N LYS A 285 25.84 -11.97 13.38
CA LYS A 285 25.55 -12.26 14.76
C LYS A 285 24.88 -13.61 14.81
N ILE A 286 23.91 -13.83 13.91
CA ILE A 286 23.18 -15.10 13.87
C ILE A 286 24.18 -16.20 13.56
N ALA A 287 25.10 -15.91 12.63
CA ALA A 287 26.15 -16.86 12.23
C ALA A 287 27.04 -17.34 13.39
N ARG A 288 27.23 -16.52 14.42
CA ARG A 288 28.07 -16.92 15.56
C ARG A 288 27.30 -17.40 16.79
N GLU A 289 26.23 -16.68 17.14
CA GLU A 289 25.42 -16.99 18.32
C GLU A 289 24.45 -18.16 18.16
N TRP A 290 24.05 -18.44 16.94
CA TRP A 290 23.09 -19.52 16.69
C TRP A 290 23.66 -20.59 15.76
N GLU A 291 24.94 -20.46 15.39
CA GLU A 291 25.64 -21.38 14.49
C GLU A 291 25.17 -22.84 14.45
N ASP A 292 24.99 -23.42 15.64
CA ASP A 292 24.54 -24.80 15.80
C ASP A 292 23.04 -25.00 15.50
N LEU A 293 22.46 -24.10 14.72
CA LEU A 293 21.03 -24.15 14.38
C LEU A 293 20.74 -24.54 12.94
N ASP A 294 19.55 -25.10 12.76
CA ASP A 294 19.11 -25.56 11.46
C ASP A 294 17.97 -24.67 10.94
N ILE A 295 18.26 -23.92 9.88
CA ILE A 295 17.26 -23.04 9.29
C ILE A 295 17.03 -23.43 7.84
N ASP A 296 15.78 -23.59 7.45
CA ASP A 296 15.48 -23.97 6.09
C ASP A 296 15.23 -22.80 5.15
N VAL A 297 14.73 -21.69 5.69
CA VAL A 297 14.44 -20.52 4.85
C VAL A 297 14.49 -19.24 5.69
N VAL A 298 14.79 -18.12 5.03
CA VAL A 298 14.82 -16.80 5.67
C VAL A 298 13.67 -15.95 5.09
N ILE A 299 12.72 -15.57 5.94
CA ILE A 299 11.54 -14.82 5.50
C ILE A 299 11.38 -13.44 6.15
N PRO A 300 11.43 -12.35 5.34
CA PRO A 300 11.30 -11.02 5.94
C PRO A 300 9.85 -10.73 6.32
N ILE A 301 9.64 -9.91 7.34
CA ILE A 301 8.28 -9.55 7.64
C ILE A 301 8.15 -8.22 6.90
N PRO A 302 7.51 -8.23 5.72
CA PRO A 302 7.34 -7.02 4.90
C PRO A 302 6.70 -5.89 5.70
N GLU A 303 7.04 -4.66 5.35
CA GLU A 303 7.95 -4.38 4.27
C GLU A 303 9.32 -3.82 4.64
N THR A 304 9.44 -3.13 5.77
CA THR A 304 10.72 -2.53 6.15
C THR A 304 11.91 -3.50 6.21
N SER A 305 11.71 -4.71 6.72
CA SER A 305 12.80 -5.67 6.85
C SER A 305 13.31 -6.36 5.60
N CYS A 306 12.54 -6.33 4.54
CA CYS A 306 12.94 -7.02 3.31
C CYS A 306 14.41 -7.02 2.93
N ASP A 307 14.99 -5.85 2.69
CA ASP A 307 16.38 -5.84 2.31
C ASP A 307 17.32 -6.43 3.38
N ILE A 308 17.08 -6.06 4.65
CA ILE A 308 17.85 -6.56 5.79
C ILE A 308 17.88 -8.08 5.69
N ALA A 309 16.69 -8.69 5.58
CA ALA A 309 16.52 -10.13 5.47
C ALA A 309 17.19 -10.70 4.25
N LEU A 310 17.08 -10.00 3.12
CA LEU A 310 17.71 -10.44 1.88
C LEU A 310 19.20 -10.58 2.15
N GLU A 311 19.77 -9.54 2.74
CA GLU A 311 21.17 -9.51 3.08
C GLU A 311 21.53 -10.58 4.11
N ILE A 312 20.67 -10.78 5.11
CA ILE A 312 20.93 -11.81 6.13
C ILE A 312 20.94 -13.17 5.47
N ALA A 313 19.98 -13.36 4.56
CA ALA A 313 19.86 -14.62 3.85
C ALA A 313 21.15 -14.76 3.06
N ARG A 314 21.73 -13.63 2.71
CA ARG A 314 22.97 -13.67 1.96
C ARG A 314 24.04 -14.20 2.92
N ILE A 315 24.23 -13.53 4.04
CA ILE A 315 25.23 -13.94 5.01
C ILE A 315 25.21 -15.42 5.27
N LEU A 316 24.04 -15.92 5.70
CA LEU A 316 23.84 -17.33 6.03
C LEU A 316 23.78 -18.32 4.88
N GLY A 317 23.86 -17.85 3.64
CA GLY A 317 23.77 -18.77 2.52
C GLY A 317 22.48 -19.57 2.58
N LYS A 318 21.38 -18.88 2.85
CA LYS A 318 20.08 -19.53 2.95
C LYS A 318 19.08 -18.88 1.99
N PRO A 319 18.01 -19.60 1.65
CA PRO A 319 17.06 -18.99 0.72
C PRO A 319 16.26 -17.84 1.32
N TYR A 320 16.16 -16.77 0.55
CA TYR A 320 15.34 -15.65 0.95
C TYR A 320 14.03 -15.99 0.24
N ARG A 321 12.94 -16.06 0.98
CA ARG A 321 11.65 -16.36 0.42
C ARG A 321 10.64 -15.35 0.93
N GLN A 322 9.86 -14.78 0.02
CA GLN A 322 8.82 -13.84 0.40
C GLN A 322 7.64 -14.69 0.87
N GLY A 323 7.84 -15.33 2.02
CA GLY A 323 6.84 -16.18 2.61
C GLY A 323 5.62 -15.37 2.98
N PHE A 324 5.84 -14.11 3.33
CA PHE A 324 4.71 -13.26 3.71
C PHE A 324 4.27 -12.25 2.62
N VAL A 325 2.99 -12.33 2.31
CA VAL A 325 2.36 -11.46 1.35
C VAL A 325 1.80 -10.30 2.18
N LYS A 326 2.11 -9.08 1.77
CA LYS A 326 1.63 -7.91 2.48
C LYS A 326 0.51 -7.31 1.64
N ASN A 327 -0.52 -6.87 2.34
CA ASN A 327 -1.65 -6.25 1.68
C ASN A 327 -1.22 -4.86 1.25
N ARG A 328 -1.34 -4.59 -0.04
CA ARG A 328 -0.97 -3.30 -0.59
C ARG A 328 -1.77 -2.19 0.04
N TYR A 329 -2.94 -2.51 0.57
CA TYR A 329 -3.83 -1.50 1.09
C TYR A 329 -3.98 -1.31 2.59
N VAL A 330 -2.90 -1.64 3.29
CA VAL A 330 -2.84 -1.50 4.73
C VAL A 330 -1.46 -0.83 4.94
N GLY A 331 -1.46 0.36 5.56
CA GLY A 331 -0.22 1.11 5.79
C GLY A 331 0.68 0.60 6.90
N ARG A 332 1.48 1.50 7.43
CA ARG A 332 2.38 1.14 8.51
C ARG A 332 1.52 1.01 9.75
N THR A 333 1.37 -0.23 10.21
CA THR A 333 0.55 -0.50 11.38
C THR A 333 1.18 0.13 12.63
N PHE A 334 2.51 0.23 12.62
CA PHE A 334 3.24 0.79 13.74
C PHE A 334 2.81 2.21 14.14
N ILE A 335 2.74 3.08 13.14
CA ILE A 335 2.40 4.48 13.34
C ILE A 335 0.93 4.76 13.43
N MET A 336 0.12 3.70 13.50
CA MET A 336 -1.31 3.90 13.64
C MET A 336 -1.55 4.36 15.09
N PRO A 337 -2.53 5.27 15.29
CA PRO A 337 -2.90 5.84 16.60
C PRO A 337 -3.19 4.96 17.80
N GLY A 338 -3.88 3.84 17.61
CA GLY A 338 -4.19 3.01 18.76
C GLY A 338 -3.80 1.56 18.64
N GLN A 339 -3.39 0.97 19.76
CA GLN A 339 -2.96 -0.43 19.82
C GLN A 339 -4.01 -1.43 19.36
N GLN A 340 -5.29 -1.07 19.46
CA GLN A 340 -6.32 -1.99 19.01
C GLN A 340 -6.43 -1.97 17.51
N LEU A 341 -6.22 -0.79 16.94
CA LEU A 341 -6.22 -0.61 15.50
C LEU A 341 -5.06 -1.38 14.86
N ARG A 342 -3.85 -1.19 15.41
CA ARG A 342 -2.61 -1.85 14.92
C ARG A 342 -2.67 -3.37 14.88
N ARG A 343 -3.19 -3.93 15.96
CA ARG A 343 -3.35 -5.36 16.17
C ARG A 343 -4.26 -5.95 15.08
N LYS A 344 -5.43 -5.36 14.89
CA LYS A 344 -6.36 -5.82 13.85
C LYS A 344 -5.71 -5.68 12.48
N SER A 345 -4.93 -4.60 12.34
CA SER A 345 -4.23 -4.28 11.10
C SER A 345 -3.12 -5.26 10.70
N VAL A 346 -2.61 -6.04 11.64
CA VAL A 346 -1.55 -6.99 11.33
C VAL A 346 -2.05 -8.24 10.61
N ARG A 347 -3.21 -8.74 11.03
CA ARG A 347 -3.78 -9.92 10.36
C ARG A 347 -4.18 -9.52 8.94
N ARG A 348 -4.59 -8.26 8.78
CA ARG A 348 -4.99 -7.70 7.50
C ARG A 348 -3.78 -7.47 6.63
N LYS A 349 -2.75 -6.88 7.24
CA LYS A 349 -1.52 -6.57 6.58
C LYS A 349 -0.76 -7.77 6.00
N LEU A 350 -0.62 -8.84 6.76
CA LEU A 350 0.15 -9.98 6.29
C LEU A 350 -0.59 -11.31 6.24
N ASN A 351 -0.12 -12.19 5.34
CA ASN A 351 -0.67 -13.54 5.18
C ASN A 351 0.44 -14.46 4.67
N ALA A 352 0.45 -15.66 5.22
CA ALA A 352 1.46 -16.64 4.91
C ALA A 352 1.21 -17.53 3.70
N ASN A 353 2.28 -17.72 2.91
CA ASN A 353 2.32 -18.59 1.74
C ASN A 353 2.69 -19.90 2.42
N ARG A 354 1.68 -20.71 2.71
CA ARG A 354 1.85 -21.99 3.41
C ARG A 354 2.99 -22.83 2.89
N ALA A 355 3.19 -22.84 1.57
CA ALA A 355 4.29 -23.57 0.92
C ALA A 355 5.65 -23.32 1.60
N GLU A 356 5.99 -22.04 1.75
CA GLU A 356 7.25 -21.61 2.32
C GLU A 356 7.59 -21.93 3.78
N PHE A 357 6.61 -22.42 4.55
CA PHE A 357 6.82 -22.71 5.97
C PHE A 357 6.70 -24.18 6.35
N ARG A 358 5.82 -24.88 5.66
CA ARG A 358 5.53 -26.27 5.97
C ARG A 358 6.73 -27.22 6.08
N ASP A 359 6.82 -27.87 7.23
CA ASP A 359 7.88 -28.83 7.55
C ASP A 359 9.25 -28.16 7.55
N LYS A 360 9.26 -26.84 7.63
CA LYS A 360 10.49 -26.09 7.61
C LYS A 360 10.74 -25.31 8.89
N ASN A 361 12.03 -25.03 9.09
CA ASN A 361 12.49 -24.24 10.21
C ASN A 361 12.70 -22.89 9.57
N VAL A 362 11.81 -21.96 9.86
CA VAL A 362 11.89 -20.63 9.26
C VAL A 362 12.58 -19.58 10.13
N LEU A 363 13.19 -18.62 9.46
CA LEU A 363 13.83 -17.53 10.16
C LEU A 363 13.14 -16.26 9.70
N LEU A 364 12.34 -15.69 10.57
CA LEU A 364 11.65 -14.47 10.28
C LEU A 364 12.60 -13.34 10.66
N VAL A 365 12.57 -12.26 9.92
CA VAL A 365 13.45 -11.12 10.14
C VAL A 365 12.58 -9.87 10.13
N ASP A 366 12.83 -8.97 11.06
CA ASP A 366 12.07 -7.73 11.13
C ASP A 366 12.98 -6.61 11.59
N ASP A 367 12.74 -5.42 11.05
CA ASP A 367 13.52 -4.22 11.36
C ASP A 367 13.58 -4.00 12.84
N SER A 368 12.51 -4.41 13.53
CA SER A 368 12.44 -4.23 14.95
C SER A 368 11.17 -4.79 15.53
N ILE A 369 11.15 -4.83 16.85
CA ILE A 369 10.00 -5.28 17.62
C ILE A 369 9.85 -4.13 18.58
N VAL A 370 8.65 -3.64 18.72
CA VAL A 370 8.43 -2.53 19.61
C VAL A 370 7.38 -2.92 20.65
N ARG A 371 6.14 -3.04 20.21
CA ARG A 371 5.10 -3.42 21.16
C ARG A 371 4.93 -4.91 21.09
N GLY A 372 5.46 -5.49 20.02
CA GLY A 372 5.34 -6.92 19.83
C GLY A 372 4.08 -7.28 19.07
N THR A 373 3.40 -6.27 18.56
CA THR A 373 2.17 -6.47 17.82
C THR A 373 2.35 -7.43 16.60
N THR A 374 3.26 -7.05 15.71
CA THR A 374 3.57 -7.80 14.50
C THR A 374 4.15 -9.18 14.76
N SER A 375 5.23 -9.26 15.53
CA SER A 375 5.89 -10.53 15.81
C SER A 375 4.99 -11.60 16.46
N GLU A 376 4.20 -11.19 17.45
CA GLU A 376 3.31 -12.10 18.14
C GLU A 376 2.40 -12.76 17.11
N GLN A 377 1.76 -11.97 16.26
CA GLN A 377 0.85 -12.48 15.22
C GLN A 377 1.54 -13.27 14.07
N ILE A 378 2.71 -12.78 13.66
CA ILE A 378 3.51 -13.38 12.59
C ILE A 378 3.94 -14.81 12.91
N ILE A 379 4.39 -15.01 14.14
CA ILE A 379 4.76 -16.32 14.59
C ILE A 379 3.56 -17.28 14.57
N GLU A 380 2.42 -16.87 15.11
CA GLU A 380 1.20 -17.71 15.11
C GLU A 380 0.93 -18.15 13.65
N MET A 381 1.10 -17.22 12.72
CA MET A 381 0.89 -17.53 11.33
C MET A 381 1.85 -18.58 10.78
N ALA A 382 3.14 -18.42 11.07
CA ALA A 382 4.14 -19.32 10.59
C ALA A 382 3.78 -20.72 11.04
N ARG A 383 3.47 -20.85 12.35
CA ARG A 383 3.09 -22.15 12.95
C ARG A 383 1.92 -22.69 12.17
N GLU A 384 0.83 -21.92 12.14
CA GLU A 384 -0.38 -22.31 11.42
C GLU A 384 -0.03 -22.77 10.03
N ALA A 385 0.93 -22.09 9.40
CA ALA A 385 1.34 -22.46 8.06
C ALA A 385 2.10 -23.78 7.96
N GLY A 386 2.23 -24.49 9.07
CA GLY A 386 2.89 -25.78 9.04
C GLY A 386 4.36 -25.75 9.37
N ALA A 387 4.82 -24.59 9.85
CA ALA A 387 6.21 -24.40 10.21
C ALA A 387 6.64 -25.21 11.42
N LYS A 388 7.76 -25.92 11.24
CA LYS A 388 8.38 -26.75 12.28
C LYS A 388 8.85 -25.85 13.43
N LYS A 389 9.79 -24.98 13.10
CA LYS A 389 10.35 -24.06 14.06
C LYS A 389 10.35 -22.63 13.52
N VAL A 390 9.95 -21.69 14.37
CA VAL A 390 9.88 -20.30 14.00
C VAL A 390 10.87 -19.45 14.82
N TYR A 391 11.87 -18.91 14.16
CA TYR A 391 12.88 -18.08 14.81
C TYR A 391 12.71 -16.62 14.35
N LEU A 392 12.97 -15.64 15.20
CA LEU A 392 12.83 -14.23 14.82
C LEU A 392 14.09 -13.48 15.12
N ALA A 393 14.43 -12.55 14.26
CA ALA A 393 15.61 -11.71 14.43
C ALA A 393 15.25 -10.28 14.16
N SER A 394 15.47 -9.39 15.13
CA SER A 394 15.19 -7.99 14.92
C SER A 394 16.47 -7.25 14.53
N ALA A 395 16.42 -6.55 13.42
CA ALA A 395 17.54 -5.77 12.96
C ALA A 395 17.89 -4.74 14.02
N ALA A 396 16.95 -4.50 14.95
CA ALA A 396 17.17 -3.51 15.99
C ALA A 396 17.29 -4.09 17.37
N PRO A 397 18.01 -3.38 18.25
CA PRO A 397 18.25 -3.72 19.65
C PRO A 397 16.90 -3.68 20.32
N GLU A 398 16.82 -4.20 21.55
CA GLU A 398 15.58 -4.19 22.29
C GLU A 398 15.19 -2.74 22.49
N ILE A 399 13.91 -2.43 22.33
CA ILE A 399 13.42 -1.06 22.51
C ILE A 399 12.77 -0.99 23.87
N ARG A 400 13.44 -0.32 24.80
CA ARG A 400 12.95 -0.23 26.18
C ARG A 400 12.66 1.19 26.67
N PHE A 401 12.98 2.18 25.86
CA PHE A 401 12.76 3.55 26.26
C PHE A 401 11.86 4.37 25.39
N PRO A 402 11.14 5.29 26.02
CA PRO A 402 10.21 6.18 25.35
C PRO A 402 10.94 7.19 24.47
N ASN A 403 10.31 7.52 23.35
CA ASN A 403 10.87 8.52 22.45
C ASN A 403 10.04 9.76 22.69
N VAL A 404 10.74 10.88 22.91
CA VAL A 404 10.16 12.17 23.21
C VAL A 404 10.60 13.16 22.15
N TYR A 405 10.95 12.66 20.97
CA TYR A 405 11.39 13.53 19.90
C TYR A 405 10.60 13.44 18.61
N GLY A 406 9.33 13.09 18.69
CA GLY A 406 8.56 13.01 17.49
C GLY A 406 8.31 11.61 16.99
N ILE A 407 8.23 10.67 17.92
CA ILE A 407 7.91 9.29 17.61
C ILE A 407 7.00 8.86 18.75
N ASP A 408 5.81 8.40 18.42
CA ASP A 408 4.84 8.02 19.44
C ASP A 408 5.13 6.75 20.22
N MET A 409 5.89 6.93 21.30
CA MET A 409 6.29 5.88 22.25
C MET A 409 6.42 6.55 23.63
N PRO A 410 5.30 7.05 24.19
CA PRO A 410 5.22 7.73 25.48
C PRO A 410 5.30 6.85 26.74
N SER A 411 4.69 5.67 26.63
CA SER A 411 4.63 4.70 27.72
C SER A 411 5.63 3.57 27.55
N ALA A 412 6.68 3.57 28.37
CA ALA A 412 7.69 2.52 28.30
C ALA A 412 7.05 1.17 28.58
N THR A 413 6.00 1.16 29.37
CA THR A 413 5.35 -0.11 29.69
C THR A 413 4.71 -0.79 28.48
N GLU A 414 4.43 -0.03 27.43
CA GLU A 414 3.83 -0.56 26.22
C GLU A 414 4.86 -1.17 25.29
N LEU A 415 6.14 -1.03 25.65
CA LEU A 415 7.25 -1.60 24.86
C LEU A 415 7.50 -2.98 25.45
N ILE A 416 7.40 -4.00 24.61
CA ILE A 416 7.57 -5.37 25.09
C ILE A 416 8.89 -5.69 25.74
N ALA A 417 9.97 -5.10 25.25
CA ALA A 417 11.31 -5.34 25.79
C ALA A 417 11.46 -4.71 27.16
N HIS A 418 10.48 -3.90 27.55
CA HIS A 418 10.55 -3.25 28.84
C HIS A 418 10.35 -4.21 30.02
N GLY A 419 11.32 -4.22 30.91
CA GLY A 419 11.23 -5.06 32.09
C GLY A 419 11.41 -6.51 31.72
N ARG A 420 11.94 -6.73 30.54
CA ARG A 420 12.16 -8.07 30.05
C ARG A 420 13.51 -8.41 29.44
N GLU A 421 13.90 -9.65 29.66
CA GLU A 421 15.13 -10.17 29.10
C GLU A 421 14.71 -10.78 27.77
N VAL A 422 15.65 -10.89 26.84
CA VAL A 422 15.34 -11.47 25.54
C VAL A 422 14.45 -12.69 25.66
N ASP A 423 14.85 -13.64 26.47
CA ASP A 423 14.05 -14.85 26.58
C ASP A 423 12.61 -14.64 27.01
N GLU A 424 12.35 -13.68 27.89
CA GLU A 424 10.99 -13.46 28.31
C GLU A 424 10.21 -13.02 27.09
N ILE A 425 10.83 -12.15 26.27
CA ILE A 425 10.20 -11.65 25.05
C ILE A 425 10.00 -12.78 24.07
N ARG A 426 10.98 -13.70 24.00
CA ARG A 426 10.86 -14.85 23.10
C ARG A 426 9.60 -15.67 23.43
N GLN A 427 9.36 -15.85 24.73
CA GLN A 427 8.23 -16.62 25.20
C GLN A 427 6.89 -15.96 24.94
N ILE A 428 6.86 -14.65 25.05
CA ILE A 428 5.63 -13.91 24.81
C ILE A 428 5.16 -14.08 23.36
N ILE A 429 6.01 -13.71 22.41
CA ILE A 429 5.66 -13.83 21.00
C ILE A 429 5.57 -15.30 20.60
N GLY A 430 6.27 -16.16 21.34
CA GLY A 430 6.24 -17.59 21.07
C GLY A 430 7.21 -18.11 20.04
N ALA A 431 8.39 -17.51 19.96
CA ALA A 431 9.40 -17.94 19.02
C ALA A 431 10.19 -19.05 19.68
N ASP A 432 10.90 -19.84 18.87
CA ASP A 432 11.72 -20.92 19.39
C ASP A 432 13.10 -20.31 19.55
N GLY A 433 13.20 -19.03 19.22
CA GLY A 433 14.44 -18.32 19.32
C GLY A 433 14.13 -16.87 19.01
N LEU A 434 14.90 -15.96 19.57
CA LEU A 434 14.70 -14.55 19.30
C LEU A 434 16.04 -13.93 19.54
N ILE A 435 16.52 -13.19 18.56
CA ILE A 435 17.81 -12.55 18.63
C ILE A 435 17.65 -11.09 18.21
N PHE A 436 18.38 -10.21 18.89
CA PHE A 436 18.32 -8.80 18.58
C PHE A 436 19.66 -8.32 18.13
N GLN A 437 19.63 -7.36 17.22
CA GLN A 437 20.84 -6.75 16.76
C GLN A 437 21.38 -6.08 18.04
N ASP A 438 22.69 -6.10 18.24
CA ASP A 438 23.27 -5.43 19.41
C ASP A 438 23.24 -3.95 19.06
N LEU A 439 23.28 -3.08 20.08
CA LEU A 439 23.28 -1.62 19.88
C LEU A 439 24.56 -1.11 19.21
N ASN A 440 25.71 -1.54 19.70
CA ASN A 440 26.95 -1.07 19.10
C ASN A 440 27.06 -1.47 17.63
N ASP A 441 26.34 -2.53 17.26
CA ASP A 441 26.34 -3.02 15.87
C ASP A 441 25.47 -2.12 14.97
N LEU A 442 24.33 -1.70 15.52
CA LEU A 442 23.38 -0.85 14.83
C LEU A 442 24.07 0.42 14.46
N ILE A 443 24.63 1.06 15.47
CA ILE A 443 25.36 2.32 15.29
C ILE A 443 26.48 2.17 14.28
N ASP A 444 27.21 1.08 14.38
CA ASP A 444 28.30 0.86 13.45
C ASP A 444 27.73 0.60 12.06
N ALA A 445 26.57 -0.05 12.01
CA ALA A 445 25.91 -0.31 10.74
C ALA A 445 25.56 1.00 10.00
N VAL A 446 25.11 2.02 10.74
CA VAL A 446 24.74 3.30 10.15
C VAL A 446 25.96 4.21 9.92
N ARG A 447 26.82 4.32 10.93
CA ARG A 447 28.03 5.14 10.85
C ARG A 447 28.92 4.72 9.71
N ALA A 448 28.91 3.42 9.41
CA ALA A 448 29.71 2.90 8.33
C ALA A 448 29.53 3.76 7.07
N GLU A 449 28.41 4.46 7.01
CA GLU A 449 28.11 5.31 5.87
C GLU A 449 28.53 6.77 6.06
N ASN A 450 28.65 7.22 7.30
CA ASN A 450 29.10 8.59 7.60
C ASN A 450 29.67 8.61 9.01
N PRO A 451 30.93 8.17 9.17
CA PRO A 451 31.64 8.11 10.46
C PRO A 451 31.68 9.43 11.25
N ASP A 452 31.46 10.55 10.58
CA ASP A 452 31.47 11.83 11.25
C ASP A 452 30.42 11.78 12.33
N ILE A 453 29.29 11.14 12.07
CA ILE A 453 28.28 11.05 13.10
C ILE A 453 28.94 10.26 14.23
N GLN A 454 29.18 10.90 15.36
CA GLN A 454 29.81 10.22 16.48
C GLN A 454 28.78 9.52 17.34
N GLN A 455 27.68 10.22 17.57
CA GLN A 455 26.64 9.70 18.42
C GLN A 455 25.27 9.87 17.76
N PHE A 456 24.37 8.94 18.07
CA PHE A 456 23.04 8.97 17.53
C PHE A 456 22.03 9.22 18.62
N GLU A 457 20.87 9.74 18.22
CA GLU A 457 19.80 9.99 19.15
C GLU A 457 19.22 8.61 19.20
N CYS A 458 19.46 7.89 20.28
CA CYS A 458 18.93 6.55 20.40
C CYS A 458 18.35 6.22 21.74
N SER A 459 17.78 7.22 22.39
CA SER A 459 17.17 7.06 23.69
C SER A 459 16.24 5.86 23.78
N VAL A 460 15.48 5.59 22.73
CA VAL A 460 14.57 4.42 22.76
C VAL A 460 15.32 3.13 23.08
N PHE A 461 16.60 3.11 22.68
CA PHE A 461 17.51 1.98 22.91
C PHE A 461 18.26 2.05 24.22
N ASN A 462 18.98 3.15 24.46
CA ASN A 462 19.79 3.30 25.67
C ASN A 462 19.33 4.32 26.73
N GLY A 463 18.08 4.74 26.68
CA GLY A 463 17.58 5.69 27.65
C GLY A 463 18.35 6.98 27.73
N VAL A 464 19.29 7.20 26.83
CA VAL A 464 20.08 8.41 26.84
C VAL A 464 19.45 9.47 25.93
N TYR A 465 19.08 10.59 26.55
CA TYR A 465 18.44 11.72 25.88
C TYR A 465 19.37 12.95 25.78
N VAL A 466 19.91 13.17 24.58
CA VAL A 466 20.84 14.25 24.33
C VAL A 466 20.42 15.63 24.81
N THR A 467 19.12 15.93 24.77
CA THR A 467 18.70 17.25 25.23
C THR A 467 18.89 17.45 26.74
N LYS A 468 19.19 16.35 27.43
CA LYS A 468 19.47 16.35 28.86
C LYS A 468 18.44 17.05 29.70
N ASP A 469 17.22 17.10 29.19
CA ASP A 469 16.13 17.76 29.91
C ASP A 469 15.02 16.76 30.13
N VAL A 470 15.26 15.53 29.71
CA VAL A 470 14.28 14.50 29.88
C VAL A 470 14.67 13.78 31.13
N ASP A 471 13.68 13.45 31.95
CA ASP A 471 13.90 12.74 33.21
C ASP A 471 12.72 11.83 33.49
N GLN A 472 12.77 11.14 34.63
CA GLN A 472 11.73 10.19 35.01
C GLN A 472 10.36 10.83 35.23
N GLY A 473 10.32 11.94 35.93
CA GLY A 473 9.07 12.63 36.14
C GLY A 473 8.48 12.95 34.79
N TYR A 474 9.28 13.53 33.89
CA TYR A 474 8.83 13.87 32.54
C TYR A 474 8.33 12.65 31.76
N LEU A 475 9.05 11.53 31.84
CA LEU A 475 8.66 10.30 31.16
C LEU A 475 7.36 9.73 31.73
N ASP A 476 7.21 9.80 33.05
CA ASP A 476 6.03 9.32 33.77
C ASP A 476 4.86 10.17 33.34
N PHE A 477 5.16 11.44 33.15
CA PHE A 477 4.22 12.46 32.73
C PHE A 477 3.64 11.96 31.42
N LEU A 478 4.50 11.83 30.40
CA LEU A 478 4.10 11.35 29.08
C LEU A 478 3.25 10.12 29.18
N ASP A 479 3.79 9.12 29.85
CA ASP A 479 3.15 7.84 30.05
C ASP A 479 1.71 8.03 30.46
N THR A 480 1.50 8.80 31.53
CA THR A 480 0.17 9.06 32.03
C THR A 480 -0.71 9.79 30.99
N LEU A 481 -0.24 10.94 30.53
CA LEU A 481 -0.95 11.74 29.54
C LEU A 481 -1.34 11.03 28.24
N ARG A 482 -0.40 10.27 27.68
CA ARG A 482 -0.61 9.59 26.39
C ARG A 482 -0.62 8.06 26.31
N ASN A 483 -0.79 7.33 27.41
CA ASN A 483 -0.81 5.87 27.30
C ASN A 483 -2.09 5.49 26.50
N ASP A 484 -1.99 4.43 25.70
CA ASP A 484 -3.08 3.95 24.84
C ASP A 484 -4.47 4.12 25.44
N ASP A 485 -4.60 3.84 26.73
CA ASP A 485 -5.88 3.98 27.43
C ASP A 485 -6.24 5.44 27.59
N ALA A 486 -5.23 6.26 27.84
CA ALA A 486 -5.42 7.70 27.99
C ALA A 486 -5.89 8.27 26.67
N LYS A 487 -5.17 7.88 25.61
CA LYS A 487 -5.49 8.32 24.25
C LYS A 487 -6.86 7.80 23.78
N ALA A 488 -7.09 6.50 23.90
CA ALA A 488 -8.36 5.88 23.50
C ALA A 488 -9.51 6.59 24.23
N VAL A 489 -9.31 6.84 25.54
CA VAL A 489 -10.29 7.52 26.37
C VAL A 489 -10.52 8.91 25.79
N GLN A 490 -9.43 9.64 25.56
CA GLN A 490 -9.49 10.98 25.00
C GLN A 490 -10.20 11.07 23.63
N ARG A 491 -10.02 10.07 22.78
CA ARG A 491 -10.64 10.08 21.46
C ARG A 491 -12.17 10.11 21.52
N GLN A 492 -12.73 9.40 22.49
CA GLN A 492 -14.17 9.35 22.66
C GLN A 492 -14.74 10.72 23.02
N CYS B 1 -12.19 -8.03 -10.30
CA CYS B 1 -13.19 -7.72 -9.26
C CYS B 1 -13.16 -8.86 -8.29
N GLY B 2 -13.48 -8.51 -7.05
CA GLY B 2 -13.53 -9.47 -5.98
C GLY B 2 -14.94 -9.52 -5.42
N ILE B 3 -15.41 -10.73 -5.17
CA ILE B 3 -16.71 -10.95 -4.60
C ILE B 3 -16.49 -11.90 -3.46
N VAL B 4 -17.30 -11.73 -2.42
CA VAL B 4 -17.23 -12.57 -1.25
C VAL B 4 -18.67 -12.79 -0.80
N GLY B 5 -18.91 -14.01 -0.30
CA GLY B 5 -20.20 -14.42 0.20
C GLY B 5 -19.93 -15.15 1.51
N ILE B 6 -20.73 -14.85 2.52
CA ILE B 6 -20.59 -15.49 3.84
C ILE B 6 -21.99 -15.74 4.38
N ALA B 7 -22.41 -17.00 4.40
CA ALA B 7 -23.70 -17.35 4.97
C ALA B 7 -23.27 -17.89 6.31
N GLY B 8 -23.22 -16.99 7.30
CA GLY B 8 -22.79 -17.34 8.64
C GLY B 8 -23.82 -17.32 9.75
N VAL B 9 -23.33 -17.56 10.95
CA VAL B 9 -24.17 -17.58 12.14
C VAL B 9 -23.94 -16.36 13.05
N MET B 10 -23.08 -15.43 12.64
CA MET B 10 -22.81 -14.23 13.44
C MET B 10 -22.54 -13.07 12.53
N PRO B 11 -22.58 -11.84 13.10
CA PRO B 11 -22.34 -10.60 12.37
C PRO B 11 -21.21 -10.86 11.40
N VAL B 12 -21.48 -10.66 10.12
CA VAL B 12 -20.52 -10.90 9.05
C VAL B 12 -19.80 -9.63 8.56
N ASN B 13 -20.39 -8.46 8.85
CA ASN B 13 -19.84 -7.20 8.41
C ASN B 13 -18.34 -6.99 8.50
N GLN B 14 -17.74 -7.20 9.66
CA GLN B 14 -16.29 -6.97 9.76
C GLN B 14 -15.57 -8.02 8.97
N SER B 15 -16.09 -9.24 9.02
CA SER B 15 -15.50 -10.35 8.29
C SER B 15 -15.52 -10.07 6.75
N ILE B 16 -16.61 -9.47 6.26
CA ILE B 16 -16.69 -9.16 4.85
C ILE B 16 -15.73 -8.02 4.54
N TYR B 17 -15.73 -6.99 5.38
CA TYR B 17 -14.81 -5.85 5.22
C TYR B 17 -13.39 -6.40 5.12
N ASP B 18 -13.05 -7.29 6.04
CA ASP B 18 -11.73 -7.91 6.08
C ASP B 18 -11.44 -8.71 4.83
N ALA B 19 -12.48 -9.39 4.34
CA ALA B 19 -12.42 -10.22 3.11
C ALA B 19 -12.15 -9.34 1.90
N LEU B 20 -12.87 -8.23 1.79
CA LEU B 20 -12.69 -7.31 0.68
C LEU B 20 -11.34 -6.65 0.81
N THR B 21 -10.83 -6.54 2.01
CA THR B 21 -9.52 -5.94 2.17
C THR B 21 -8.45 -6.83 1.52
N VAL B 22 -8.46 -8.14 1.81
CA VAL B 22 -7.48 -9.01 1.17
C VAL B 22 -7.73 -9.11 -0.33
N LEU B 23 -8.98 -8.94 -0.75
CA LEU B 23 -9.32 -8.99 -2.18
C LEU B 23 -9.27 -7.59 -2.78
N GLN B 24 -8.89 -6.59 -1.99
CA GLN B 24 -8.84 -5.21 -2.46
C GLN B 24 -8.03 -5.08 -3.74
N HIS B 25 -7.01 -5.93 -3.87
CA HIS B 25 -6.15 -5.91 -5.05
C HIS B 25 -6.86 -6.28 -6.35
N ARG B 26 -8.12 -6.70 -6.29
CA ARG B 26 -8.88 -7.07 -7.50
C ARG B 26 -9.76 -5.96 -8.00
N GLY B 27 -9.85 -4.87 -7.26
CA GLY B 27 -10.70 -3.76 -7.66
C GLY B 27 -10.53 -2.67 -6.63
N GLN B 28 -10.08 -1.50 -7.09
CA GLN B 28 -9.83 -0.36 -6.19
C GLN B 28 -10.75 0.81 -6.42
N ASP B 29 -11.60 0.69 -7.44
CA ASP B 29 -12.51 1.76 -7.85
C ASP B 29 -13.73 2.00 -7.01
N ALA B 30 -14.24 0.92 -6.40
CA ALA B 30 -15.38 0.99 -5.51
C ALA B 30 -15.50 -0.32 -4.73
N ALA B 31 -16.35 -0.31 -3.72
CA ALA B 31 -16.55 -1.47 -2.88
C ALA B 31 -17.97 -1.39 -2.35
N GLY B 32 -18.56 -2.54 -2.09
CA GLY B 32 -19.91 -2.55 -1.61
C GLY B 32 -20.08 -3.75 -0.72
N ILE B 33 -20.95 -3.59 0.27
CA ILE B 33 -21.24 -4.62 1.22
C ILE B 33 -22.73 -4.54 1.45
N ILE B 34 -23.42 -5.66 1.29
CA ILE B 34 -24.86 -5.72 1.54
C ILE B 34 -25.09 -6.95 2.43
N THR B 35 -25.82 -6.74 3.53
CA THR B 35 -26.12 -7.82 4.45
C THR B 35 -27.63 -7.93 4.52
N ILE B 36 -28.09 -8.94 5.24
CA ILE B 36 -29.52 -9.13 5.45
C ILE B 36 -29.54 -9.11 6.95
N ASP B 37 -30.51 -8.41 7.53
CA ASP B 37 -30.62 -8.33 8.98
C ASP B 37 -31.73 -9.22 9.48
N ALA B 38 -31.89 -9.24 10.79
CA ALA B 38 -32.90 -10.02 11.48
C ALA B 38 -34.30 -9.76 10.91
N ASN B 39 -34.55 -8.54 10.44
CA ASN B 39 -35.84 -8.24 9.86
C ASN B 39 -35.84 -8.53 8.37
N ASN B 40 -34.99 -9.45 7.96
CA ASN B 40 -34.89 -9.81 6.57
C ASN B 40 -34.87 -8.63 5.63
N CYS B 41 -34.08 -7.65 6.01
CA CYS B 41 -33.90 -6.47 5.19
C CYS B 41 -32.46 -6.41 4.75
N PHE B 42 -32.26 -5.80 3.59
CA PHE B 42 -30.94 -5.62 3.04
C PHE B 42 -30.33 -4.34 3.57
N ARG B 43 -29.13 -4.46 4.13
CA ARG B 43 -28.38 -3.33 4.65
C ARG B 43 -27.24 -3.21 3.63
N LEU B 44 -27.25 -2.12 2.85
CA LEU B 44 -26.27 -1.83 1.80
C LEU B 44 -25.37 -0.59 2.01
N ARG B 45 -24.15 -0.67 1.53
CA ARG B 45 -23.23 0.44 1.60
C ARG B 45 -22.30 0.17 0.47
N LYS B 46 -22.32 1.06 -0.51
CA LYS B 46 -21.44 0.95 -1.67
C LYS B 46 -21.13 2.35 -2.15
N ALA B 47 -19.91 2.53 -2.62
CA ALA B 47 -19.50 3.83 -3.12
C ALA B 47 -18.12 3.66 -3.75
N ASN B 48 -17.71 4.66 -4.49
CA ASN B 48 -16.40 4.65 -5.11
C ASN B 48 -15.33 4.81 -4.08
N GLY B 49 -14.18 4.24 -4.33
CA GLY B 49 -13.09 4.38 -3.40
C GLY B 49 -12.66 3.02 -2.92
N LEU B 50 -11.70 3.04 -2.00
CA LEU B 50 -11.17 1.82 -1.47
C LEU B 50 -12.03 1.32 -0.34
N VAL B 51 -11.92 0.04 -0.05
CA VAL B 51 -12.67 -0.55 1.03
C VAL B 51 -12.49 0.26 2.30
N SER B 52 -11.27 0.75 2.52
CA SER B 52 -10.99 1.52 3.71
C SER B 52 -11.59 2.92 3.72
N ASP B 53 -11.89 3.46 2.57
CA ASP B 53 -12.51 4.78 2.56
C ASP B 53 -14.02 4.62 2.55
N VAL B 54 -14.49 3.62 1.81
CA VAL B 54 -15.91 3.37 1.64
C VAL B 54 -16.69 3.10 2.93
N PHE B 55 -16.18 2.19 3.75
CA PHE B 55 -16.84 1.83 5.00
C PHE B 55 -16.24 2.47 6.25
N GLU B 56 -17.07 3.24 6.95
CA GLU B 56 -16.69 3.94 8.15
C GLU B 56 -17.52 3.28 9.25
N ALA B 57 -17.13 3.45 10.51
CA ALA B 57 -17.84 2.82 11.63
C ALA B 57 -19.36 3.00 11.54
N ARG B 58 -19.75 4.20 11.12
CA ARG B 58 -21.12 4.58 10.96
C ARG B 58 -21.83 3.61 9.99
N HIS B 59 -21.12 3.17 8.97
CA HIS B 59 -21.64 2.24 7.98
C HIS B 59 -21.65 0.85 8.53
N MET B 60 -20.50 0.47 9.10
CA MET B 60 -20.35 -0.83 9.70
C MET B 60 -21.48 -1.15 10.66
N GLN B 61 -21.81 -0.19 11.51
CA GLN B 61 -22.86 -0.45 12.48
C GLN B 61 -24.17 -0.67 11.79
N ARG B 62 -24.42 0.05 10.70
CA ARG B 62 -25.67 -0.14 9.99
C ARG B 62 -25.71 -1.48 9.25
N LEU B 63 -24.53 -2.04 8.95
CA LEU B 63 -24.40 -3.29 8.21
C LEU B 63 -24.54 -4.51 9.09
N GLN B 64 -25.73 -4.68 9.62
CA GLN B 64 -26.01 -5.81 10.49
C GLN B 64 -26.50 -7.03 9.76
N GLY B 65 -26.45 -8.17 10.44
CA GLY B 65 -26.89 -9.41 9.88
C GLY B 65 -25.80 -10.45 9.92
N ASN B 66 -26.18 -11.70 9.62
CA ASN B 66 -25.26 -12.85 9.61
C ASN B 66 -25.05 -13.48 8.23
N MET B 67 -25.60 -12.83 7.21
CA MET B 67 -25.41 -13.32 5.86
C MET B 67 -25.19 -12.08 5.02
N GLY B 68 -24.18 -12.11 4.17
CA GLY B 68 -23.91 -10.95 3.35
C GLY B 68 -22.99 -11.20 2.20
N ILE B 69 -22.89 -10.22 1.31
CA ILE B 69 -22.03 -10.35 0.17
C ILE B 69 -21.31 -9.01 -0.06
N GLY B 70 -20.10 -9.08 -0.62
CA GLY B 70 -19.34 -7.88 -0.85
C GLY B 70 -18.67 -7.89 -2.19
N HIS B 71 -18.19 -6.72 -2.60
CA HIS B 71 -17.58 -6.60 -3.91
C HIS B 71 -16.60 -5.43 -3.99
N VAL B 72 -15.49 -5.66 -4.67
CA VAL B 72 -14.52 -4.61 -4.90
C VAL B 72 -14.49 -4.56 -6.43
N ARG B 73 -14.64 -3.35 -6.94
CA ARG B 73 -14.73 -3.16 -8.37
C ARG B 73 -13.55 -2.61 -9.16
N TYR B 74 -13.34 -3.24 -10.30
CA TYR B 74 -12.32 -2.93 -11.28
C TYR B 74 -13.21 -2.84 -12.53
N PRO B 75 -13.64 -1.62 -12.89
CA PRO B 75 -14.49 -1.28 -14.04
C PRO B 75 -14.08 -1.88 -15.39
N THR B 76 -14.87 -2.81 -15.92
CA THR B 76 -14.57 -3.43 -17.22
C THR B 76 -15.70 -3.19 -18.24
N ALA B 77 -16.80 -2.60 -17.78
CA ALA B 77 -17.97 -2.30 -18.60
C ALA B 77 -18.65 -1.08 -17.99
N GLY B 78 -19.54 -0.45 -18.76
CA GLY B 78 -20.28 0.69 -18.27
C GLY B 78 -19.49 1.96 -18.03
N SER B 79 -19.54 2.46 -16.80
CA SER B 79 -18.82 3.67 -16.44
C SER B 79 -18.20 3.54 -15.03
N SER B 80 -17.52 4.59 -14.60
CA SER B 80 -16.90 4.60 -13.28
C SER B 80 -17.77 5.25 -12.22
N SER B 81 -19.04 5.45 -12.55
CA SER B 81 -20.00 6.07 -11.65
C SER B 81 -20.41 5.10 -10.56
N ALA B 82 -20.43 5.61 -9.32
CA ALA B 82 -20.77 4.82 -8.15
C ALA B 82 -22.08 4.02 -8.26
N SER B 83 -22.88 4.35 -9.27
CA SER B 83 -24.16 3.67 -9.51
C SER B 83 -23.93 2.28 -10.13
N GLU B 84 -22.72 2.08 -10.64
CA GLU B 84 -22.30 0.82 -11.24
C GLU B 84 -21.44 0.02 -10.26
N ALA B 85 -21.31 0.55 -9.06
CA ALA B 85 -20.59 -0.15 -8.01
C ALA B 85 -21.54 -1.29 -7.62
N GLN B 86 -20.98 -2.42 -7.22
CA GLN B 86 -21.79 -3.55 -6.84
C GLN B 86 -21.73 -3.66 -5.33
N PRO B 87 -22.60 -4.47 -4.72
CA PRO B 87 -23.66 -5.30 -5.29
C PRO B 87 -24.79 -4.52 -5.90
N PHE B 88 -25.61 -5.24 -6.65
CA PHE B 88 -26.82 -4.74 -7.28
C PHE B 88 -28.01 -5.36 -6.58
N TYR B 89 -29.15 -4.72 -6.73
CA TYR B 89 -30.35 -5.21 -6.09
C TYR B 89 -31.62 -4.99 -6.89
N VAL B 90 -32.47 -6.03 -6.82
CA VAL B 90 -33.79 -6.08 -7.44
C VAL B 90 -34.74 -6.53 -6.31
N ASN B 91 -35.81 -5.80 -6.11
CA ASN B 91 -36.75 -6.12 -5.04
C ASN B 91 -37.65 -7.34 -5.30
N SER B 92 -37.60 -7.92 -6.49
CA SER B 92 -38.39 -9.10 -6.76
C SER B 92 -37.86 -9.89 -7.96
N PRO B 93 -38.12 -11.21 -7.99
CA PRO B 93 -38.90 -11.92 -6.98
C PRO B 93 -38.08 -12.15 -5.70
N TYR B 94 -38.72 -11.87 -4.55
CA TYR B 94 -38.15 -12.06 -3.21
C TYR B 94 -37.17 -11.05 -2.65
N GLY B 95 -36.34 -10.47 -3.49
CA GLY B 95 -35.34 -9.53 -3.02
C GLY B 95 -34.03 -10.27 -3.25
N ILE B 96 -33.34 -9.87 -4.31
CA ILE B 96 -32.08 -10.49 -4.70
C ILE B 96 -30.97 -9.46 -4.89
N THR B 97 -29.80 -9.78 -4.34
CA THR B 97 -28.67 -8.91 -4.51
C THR B 97 -27.58 -9.79 -5.07
N LEU B 98 -26.77 -9.24 -5.96
CA LEU B 98 -25.73 -10.01 -6.62
C LEU B 98 -24.42 -9.26 -6.91
N ALA B 99 -23.32 -9.97 -6.76
CA ALA B 99 -21.98 -9.45 -7.00
C ALA B 99 -21.42 -10.36 -8.07
N HIS B 100 -20.69 -9.76 -8.99
CA HIS B 100 -20.17 -10.49 -10.12
C HIS B 100 -18.75 -10.12 -10.46
N ASN B 101 -17.91 -11.14 -10.60
CA ASN B 101 -16.57 -10.92 -11.10
C ASN B 101 -16.63 -11.59 -12.47
N GLY B 102 -16.61 -10.77 -13.52
CA GLY B 102 -16.64 -11.29 -14.86
C GLY B 102 -17.06 -10.20 -15.83
N ASN B 103 -17.64 -10.63 -16.94
CA ASN B 103 -18.07 -9.71 -17.96
C ASN B 103 -18.91 -10.48 -18.95
N LEU B 104 -20.11 -9.97 -19.24
CA LEU B 104 -21.03 -10.59 -20.18
C LEU B 104 -20.77 -10.11 -21.61
N THR B 105 -20.42 -11.05 -22.49
CA THR B 105 -20.12 -10.70 -23.85
C THR B 105 -21.37 -10.44 -24.65
N ASN B 106 -22.53 -10.83 -24.14
CA ASN B 106 -23.74 -10.58 -24.88
C ASN B 106 -24.68 -9.66 -24.09
N ALA B 107 -24.09 -8.69 -23.40
CA ALA B 107 -24.89 -7.76 -22.60
C ALA B 107 -25.90 -7.00 -23.43
N HIS B 108 -25.47 -6.35 -24.51
CA HIS B 108 -26.40 -5.61 -25.34
C HIS B 108 -27.59 -6.49 -25.75
N GLU B 109 -27.32 -7.71 -26.21
CA GLU B 109 -28.39 -8.58 -26.62
C GLU B 109 -29.37 -8.84 -25.47
N LEU B 110 -28.84 -9.23 -24.32
CA LEU B 110 -29.68 -9.51 -23.16
C LEU B 110 -30.49 -8.31 -22.76
N ARG B 111 -30.02 -7.12 -23.11
CA ARG B 111 -30.71 -5.89 -22.76
C ARG B 111 -32.06 -5.79 -23.49
N LYS B 112 -32.07 -5.95 -24.81
CA LYS B 112 -33.32 -5.90 -25.56
C LYS B 112 -34.24 -6.91 -24.87
N LYS B 113 -33.72 -8.14 -24.75
CA LYS B 113 -34.42 -9.25 -24.10
C LYS B 113 -35.10 -8.82 -22.79
N LEU B 114 -34.31 -8.32 -21.86
CA LEU B 114 -34.84 -7.93 -20.58
C LEU B 114 -36.03 -7.01 -20.63
N PHE B 115 -36.00 -5.97 -21.46
CA PHE B 115 -37.14 -5.07 -21.48
C PHE B 115 -38.36 -5.70 -22.12
N GLU B 116 -38.20 -6.00 -23.40
CA GLU B 116 -39.26 -6.56 -24.21
C GLU B 116 -39.77 -7.89 -23.75
N GLU B 117 -38.89 -8.85 -23.53
CA GLU B 117 -39.36 -10.16 -23.12
C GLU B 117 -39.60 -10.24 -21.65
N LYS B 118 -38.53 -10.11 -20.89
CA LYS B 118 -38.59 -10.24 -19.45
C LYS B 118 -39.24 -9.14 -18.62
N ARG B 119 -39.42 -7.95 -19.18
CA ARG B 119 -40.04 -6.83 -18.46
C ARG B 119 -39.27 -6.38 -17.19
N ARG B 120 -37.95 -6.30 -17.28
CA ARG B 120 -37.13 -5.87 -16.15
C ARG B 120 -36.52 -4.56 -16.57
N HIS B 121 -36.15 -3.72 -15.61
CA HIS B 121 -35.56 -2.44 -15.99
C HIS B 121 -34.08 -2.29 -15.58
N ILE B 122 -33.20 -2.11 -16.57
CA ILE B 122 -31.74 -1.96 -16.35
C ILE B 122 -31.45 -0.46 -16.34
N ASN B 123 -30.98 0.05 -15.21
CA ASN B 123 -30.74 1.49 -15.13
C ASN B 123 -29.30 1.96 -15.34
N THR B 124 -28.36 1.03 -15.31
CA THR B 124 -26.96 1.37 -15.50
C THR B 124 -26.46 0.61 -16.72
N THR B 125 -25.20 0.84 -17.08
CA THR B 125 -24.60 0.17 -18.22
C THR B 125 -23.72 -0.96 -17.71
N SER B 126 -24.02 -1.46 -16.53
CA SER B 126 -23.24 -2.55 -16.00
C SER B 126 -23.85 -3.89 -16.46
N ASP B 127 -23.00 -4.79 -16.93
CA ASP B 127 -23.44 -6.09 -17.37
C ASP B 127 -23.78 -6.94 -16.15
N SER B 128 -23.20 -6.60 -15.00
CA SER B 128 -23.48 -7.34 -13.77
C SER B 128 -24.93 -7.12 -13.35
N GLU B 129 -25.45 -5.93 -13.62
CA GLU B 129 -26.82 -5.61 -13.28
C GLU B 129 -27.71 -6.47 -14.16
N ILE B 130 -27.34 -6.56 -15.44
CA ILE B 130 -28.05 -7.39 -16.42
C ILE B 130 -28.07 -8.82 -15.91
N LEU B 131 -26.89 -9.32 -15.52
CA LEU B 131 -26.76 -10.67 -15.00
C LEU B 131 -27.79 -10.90 -13.90
N LEU B 132 -27.79 -10.05 -12.89
CA LEU B 132 -28.71 -10.19 -11.79
C LEU B 132 -30.13 -10.22 -12.29
N ASN B 133 -30.39 -9.49 -13.37
CA ASN B 133 -31.74 -9.43 -13.90
C ASN B 133 -32.15 -10.63 -14.72
N ILE B 134 -31.19 -11.27 -15.41
CA ILE B 134 -31.49 -12.46 -16.19
C ILE B 134 -31.82 -13.52 -15.15
N PHE B 135 -31.03 -13.55 -14.08
CA PHE B 135 -31.23 -14.48 -12.96
C PHE B 135 -32.60 -14.25 -12.34
N ALA B 136 -32.86 -12.99 -12.03
CA ALA B 136 -34.12 -12.59 -11.46
C ALA B 136 -35.31 -13.12 -12.28
N SER B 137 -35.34 -12.85 -13.60
CA SER B 137 -36.47 -13.29 -14.44
C SER B 137 -36.58 -14.80 -14.51
N GLU B 138 -35.45 -15.48 -14.60
CA GLU B 138 -35.47 -16.94 -14.62
C GLU B 138 -36.14 -17.46 -13.36
N LEU B 139 -35.71 -16.90 -12.23
CA LEU B 139 -36.23 -17.25 -10.92
C LEU B 139 -37.73 -16.89 -10.86
N ASP B 140 -38.12 -15.86 -11.58
CA ASP B 140 -39.49 -15.39 -11.61
C ASP B 140 -40.44 -16.37 -12.28
N ASN B 141 -39.94 -17.54 -12.69
CA ASN B 141 -40.73 -18.56 -13.35
C ASN B 141 -41.36 -19.53 -12.37
N PHE B 142 -40.90 -19.47 -11.12
CA PHE B 142 -41.42 -20.33 -10.06
C PHE B 142 -42.21 -19.48 -9.08
N ARG B 143 -43.52 -19.41 -9.31
CA ARG B 143 -44.47 -18.63 -8.51
C ARG B 143 -44.82 -19.21 -7.14
N HIS B 144 -45.10 -20.51 -7.10
CA HIS B 144 -45.49 -21.13 -5.84
C HIS B 144 -44.44 -20.93 -4.78
N TYR B 145 -44.87 -20.38 -3.65
CA TYR B 145 -43.98 -20.17 -2.53
C TYR B 145 -43.80 -21.52 -1.83
N PRO B 146 -42.55 -21.90 -1.50
CA PRO B 146 -41.35 -21.09 -1.77
C PRO B 146 -40.50 -21.67 -2.89
N LEU B 147 -39.49 -20.90 -3.31
CA LEU B 147 -38.55 -21.36 -4.34
C LEU B 147 -37.84 -22.58 -3.81
N GLU B 148 -37.69 -23.57 -4.66
CA GLU B 148 -36.98 -24.75 -4.25
C GLU B 148 -35.56 -24.68 -4.81
N ALA B 149 -34.62 -25.30 -4.13
CA ALA B 149 -33.23 -25.31 -4.59
C ALA B 149 -33.19 -25.83 -6.03
N ASP B 150 -34.13 -26.70 -6.37
CA ASP B 150 -34.19 -27.24 -7.71
C ASP B 150 -34.55 -26.11 -8.67
N ASN B 151 -35.41 -25.22 -8.18
CA ASN B 151 -35.86 -24.08 -8.97
C ASN B 151 -34.69 -23.13 -9.16
N ILE B 152 -33.99 -22.85 -8.07
CA ILE B 152 -32.84 -21.94 -8.09
C ILE B 152 -31.80 -22.44 -9.05
N PHE B 153 -31.56 -23.75 -8.99
CA PHE B 153 -30.61 -24.38 -9.84
C PHE B 153 -31.11 -24.35 -11.27
N ALA B 154 -32.41 -24.57 -11.43
CA ALA B 154 -33.02 -24.58 -12.73
C ALA B 154 -32.93 -23.22 -13.37
N ALA B 155 -32.99 -22.18 -12.53
CA ALA B 155 -32.97 -20.78 -13.00
C ALA B 155 -31.64 -20.40 -13.53
N ILE B 156 -30.61 -20.87 -12.82
CA ILE B 156 -29.22 -20.64 -13.13
C ILE B 156 -28.86 -21.48 -14.36
N ALA B 157 -29.49 -22.63 -14.51
CA ALA B 157 -29.23 -23.46 -15.68
C ALA B 157 -29.77 -22.69 -16.90
N ALA B 158 -30.95 -22.10 -16.74
CA ALA B 158 -31.57 -21.32 -17.79
C ALA B 158 -30.67 -20.12 -18.11
N THR B 159 -30.23 -19.45 -17.04
CA THR B 159 -29.35 -18.29 -17.14
C THR B 159 -28.11 -18.71 -17.89
N ASN B 160 -27.56 -19.87 -17.55
CA ASN B 160 -26.36 -20.34 -18.22
C ASN B 160 -26.60 -20.50 -19.71
N ARG B 161 -27.84 -20.79 -20.08
CA ARG B 161 -28.20 -20.96 -21.48
C ARG B 161 -28.28 -19.62 -22.19
N LEU B 162 -28.78 -18.62 -21.49
CA LEU B 162 -28.94 -17.27 -22.04
C LEU B 162 -27.66 -16.43 -22.12
N ILE B 163 -27.03 -16.23 -20.98
CA ILE B 163 -25.82 -15.41 -20.88
C ILE B 163 -24.53 -16.01 -21.39
N ARG B 164 -23.67 -15.14 -21.87
CA ARG B 164 -22.39 -15.53 -22.40
C ARG B 164 -21.25 -14.66 -21.90
N GLY B 165 -20.15 -15.34 -21.61
CA GLY B 165 -18.96 -14.69 -21.11
C GLY B 165 -18.31 -15.41 -19.95
N ALA B 166 -17.84 -14.63 -18.98
CA ALA B 166 -17.20 -15.18 -17.78
C ALA B 166 -17.85 -14.57 -16.55
N TYR B 167 -18.04 -15.39 -15.53
CA TYR B 167 -18.66 -14.89 -14.33
C TYR B 167 -18.56 -15.79 -13.14
N ALA B 168 -18.24 -15.16 -12.01
CA ALA B 168 -18.19 -15.83 -10.73
C ALA B 168 -19.21 -14.96 -10.01
N CYS B 169 -20.31 -15.53 -9.60
CA CYS B 169 -21.29 -14.72 -8.93
C CYS B 169 -21.63 -15.19 -7.53
N VAL B 170 -22.18 -14.25 -6.77
CA VAL B 170 -22.61 -14.53 -5.42
C VAL B 170 -23.85 -13.67 -5.25
N ALA B 171 -24.89 -14.24 -4.66
CA ALA B 171 -26.14 -13.53 -4.48
C ALA B 171 -26.84 -13.99 -3.24
N MET B 172 -27.81 -13.21 -2.81
CA MET B 172 -28.61 -13.58 -1.65
C MET B 172 -30.01 -13.39 -2.15
N ILE B 173 -30.89 -14.28 -1.74
CA ILE B 173 -32.29 -14.17 -2.10
C ILE B 173 -32.97 -14.12 -0.76
N ILE B 174 -33.60 -13.00 -0.46
CA ILE B 174 -34.28 -12.81 0.81
C ILE B 174 -35.21 -13.95 1.20
N GLY B 175 -35.16 -14.28 2.47
CA GLY B 175 -35.99 -15.35 2.97
C GLY B 175 -35.59 -16.67 2.34
N HIS B 176 -34.47 -16.70 1.63
CA HIS B 176 -34.05 -17.95 1.00
C HIS B 176 -32.65 -18.35 1.35
N GLY B 177 -31.70 -17.51 0.99
CA GLY B 177 -30.32 -17.82 1.30
C GLY B 177 -29.33 -17.29 0.29
N MET B 178 -28.09 -17.76 0.43
CA MET B 178 -26.98 -17.37 -0.42
C MET B 178 -26.75 -18.36 -1.56
N VAL B 179 -26.61 -17.81 -2.77
CA VAL B 179 -26.43 -18.58 -3.99
C VAL B 179 -25.11 -18.14 -4.60
N ALA B 180 -24.37 -19.06 -5.19
CA ALA B 180 -23.13 -18.71 -5.81
C ALA B 180 -22.97 -19.59 -6.99
N PHE B 181 -22.38 -19.09 -8.06
CA PHE B 181 -22.14 -19.93 -9.24
C PHE B 181 -21.01 -19.42 -10.13
N ARG B 182 -20.50 -20.34 -10.94
CA ARG B 182 -19.37 -20.09 -11.81
C ARG B 182 -19.75 -20.38 -13.27
N ASP B 183 -19.27 -19.56 -14.20
CA ASP B 183 -19.59 -19.78 -15.60
C ASP B 183 -19.22 -21.20 -16.01
N PRO B 184 -19.88 -21.72 -17.07
CA PRO B 184 -19.67 -23.07 -17.62
C PRO B 184 -18.26 -23.36 -18.14
N ASN B 185 -17.41 -22.34 -18.15
CA ASN B 185 -16.04 -22.50 -18.59
C ASN B 185 -15.00 -22.32 -17.47
N GLY B 186 -15.48 -22.19 -16.22
CA GLY B 186 -14.58 -22.00 -15.08
C GLY B 186 -13.58 -20.88 -15.26
N ILE B 187 -13.89 -19.91 -16.10
CA ILE B 187 -12.98 -18.80 -16.36
C ILE B 187 -12.61 -17.98 -15.12
N ARG B 188 -13.61 -17.36 -14.49
CA ARG B 188 -13.39 -16.53 -13.30
C ARG B 188 -13.31 -17.41 -12.03
N PRO B 189 -12.42 -17.05 -11.05
CA PRO B 189 -12.19 -17.77 -9.78
C PRO B 189 -13.33 -17.71 -8.72
N LEU B 190 -13.48 -18.80 -7.99
CA LEU B 190 -14.51 -18.86 -6.96
C LEU B 190 -14.27 -20.10 -6.15
N VAL B 191 -14.06 -19.91 -4.86
CA VAL B 191 -13.81 -21.04 -3.99
C VAL B 191 -14.78 -21.04 -2.83
N LEU B 192 -15.13 -22.24 -2.38
CA LEU B 192 -16.05 -22.43 -1.27
C LEU B 192 -15.33 -22.94 -0.05
N GLY B 193 -15.65 -22.38 1.11
CA GLY B 193 -15.04 -22.81 2.34
C GLY B 193 -16.06 -22.87 3.45
N LYS B 194 -15.61 -23.07 4.67
CA LYS B 194 -16.53 -23.12 5.77
C LYS B 194 -15.86 -22.88 7.10
N ARG B 195 -16.65 -22.63 8.12
CA ARG B 195 -16.08 -22.42 9.43
C ARG B 195 -17.12 -23.07 10.31
N ASP B 196 -16.78 -24.24 10.84
CA ASP B 196 -17.69 -24.95 11.72
C ASP B 196 -17.65 -24.17 13.01
N ILE B 197 -18.79 -23.60 13.40
CA ILE B 197 -18.87 -22.81 14.63
C ILE B 197 -18.87 -23.73 15.86
N ASP B 198 -19.94 -24.49 16.00
CA ASP B 198 -20.07 -25.43 17.11
C ASP B 198 -20.73 -26.70 16.57
N GLU B 199 -20.55 -27.78 17.31
CA GLU B 199 -21.11 -29.08 16.94
C GLU B 199 -22.56 -28.92 16.44
N ASN B 200 -22.69 -28.76 15.12
CA ASN B 200 -23.95 -28.62 14.37
C ASN B 200 -24.25 -27.35 13.56
N ARG B 201 -23.54 -26.27 13.83
CA ARG B 201 -23.76 -25.03 13.09
C ARG B 201 -22.51 -24.63 12.31
N THR B 202 -22.56 -24.82 11.00
CA THR B 202 -21.43 -24.48 10.11
C THR B 202 -21.68 -23.28 9.21
N GLU B 203 -20.73 -22.34 9.22
CA GLU B 203 -20.83 -21.17 8.39
C GLU B 203 -20.14 -21.50 7.08
N TYR B 204 -20.59 -20.88 6.00
CA TYR B 204 -19.99 -21.10 4.69
C TYR B 204 -19.64 -19.78 4.06
N MET B 205 -18.76 -19.82 3.08
CA MET B 205 -18.39 -18.61 2.40
C MET B 205 -17.74 -18.88 1.05
N VAL B 206 -18.06 -18.06 0.07
CA VAL B 206 -17.43 -18.19 -1.23
C VAL B 206 -16.66 -16.90 -1.44
N ALA B 207 -15.65 -16.95 -2.30
CA ALA B 207 -14.81 -15.80 -2.59
C ALA B 207 -13.99 -16.05 -3.83
N SER B 208 -13.63 -14.95 -4.49
CA SER B 208 -12.83 -14.97 -5.70
C SER B 208 -11.56 -15.77 -5.48
N GLU B 209 -10.95 -15.58 -4.31
CA GLU B 209 -9.69 -16.25 -3.99
C GLU B 209 -9.66 -16.76 -2.56
N SER B 210 -8.98 -17.88 -2.37
CA SER B 210 -8.86 -18.54 -1.08
C SER B 210 -8.26 -17.72 0.03
N VAL B 211 -7.42 -16.74 -0.30
CA VAL B 211 -6.83 -15.90 0.75
C VAL B 211 -7.89 -15.29 1.66
N ALA B 212 -9.06 -15.00 1.10
CA ALA B 212 -10.15 -14.41 1.87
C ALA B 212 -10.57 -15.46 2.90
N LEU B 213 -10.66 -16.72 2.44
CA LEU B 213 -11.00 -17.81 3.35
C LEU B 213 -9.94 -17.83 4.44
N ASP B 214 -8.67 -17.92 4.04
CA ASP B 214 -7.54 -17.95 5.00
C ASP B 214 -7.63 -16.82 6.04
N THR B 215 -7.60 -15.58 5.56
CA THR B 215 -7.65 -14.45 6.43
C THR B 215 -8.81 -14.51 7.43
N LEU B 216 -9.92 -15.15 7.06
CA LEU B 216 -11.06 -15.21 7.99
C LEU B 216 -11.16 -16.47 8.83
N GLY B 217 -10.20 -17.39 8.69
CA GLY B 217 -10.27 -18.60 9.47
C GLY B 217 -11.22 -19.63 8.89
N PHE B 218 -11.56 -19.51 7.62
CA PHE B 218 -12.46 -20.47 6.98
C PHE B 218 -11.63 -21.59 6.37
N ASP B 219 -12.17 -22.81 6.39
CA ASP B 219 -11.52 -23.95 5.79
C ASP B 219 -11.86 -24.03 4.32
N PHE B 220 -10.88 -24.45 3.55
CA PHE B 220 -11.05 -24.62 2.13
C PHE B 220 -11.85 -25.90 1.92
N LEU B 221 -12.88 -25.84 1.11
CA LEU B 221 -13.64 -27.04 0.77
C LEU B 221 -13.15 -27.43 -0.62
N ARG B 222 -13.29 -26.49 -1.54
CA ARG B 222 -12.87 -26.72 -2.91
C ARG B 222 -13.29 -25.53 -3.76
N ASP B 223 -12.91 -25.58 -5.02
CA ASP B 223 -13.29 -24.56 -5.97
C ASP B 223 -14.67 -24.94 -6.45
N VAL B 224 -15.48 -23.93 -6.68
CA VAL B 224 -16.81 -24.11 -7.21
C VAL B 224 -16.57 -24.59 -8.65
N ALA B 225 -16.97 -25.83 -8.91
CA ALA B 225 -16.81 -26.40 -10.22
C ALA B 225 -17.46 -25.52 -11.32
N PRO B 226 -16.85 -25.51 -12.52
CA PRO B 226 -17.37 -24.74 -13.65
C PRO B 226 -18.82 -25.07 -13.92
N GLY B 227 -19.63 -24.04 -14.07
CA GLY B 227 -21.05 -24.26 -14.34
C GLY B 227 -21.84 -24.68 -13.13
N GLU B 228 -21.13 -24.97 -12.03
CA GLU B 228 -21.80 -25.37 -10.82
C GLU B 228 -22.30 -24.20 -10.00
N ALA B 229 -23.47 -24.37 -9.41
CA ALA B 229 -24.07 -23.36 -8.57
C ALA B 229 -24.11 -24.00 -7.20
N ILE B 230 -24.02 -23.14 -6.17
CA ILE B 230 -24.04 -23.52 -4.77
C ILE B 230 -25.24 -22.78 -4.22
N TYR B 231 -25.82 -23.31 -3.17
CA TYR B 231 -26.96 -22.67 -2.55
C TYR B 231 -27.01 -23.01 -1.07
N ILE B 232 -26.77 -22.00 -0.26
CA ILE B 232 -26.79 -22.16 1.17
C ILE B 232 -28.07 -21.50 1.61
N THR B 233 -28.89 -22.25 2.34
CA THR B 233 -30.16 -21.74 2.85
C THR B 233 -29.92 -20.83 4.07
N GLU B 234 -30.95 -20.09 4.47
CA GLU B 234 -30.87 -19.22 5.65
C GLU B 234 -30.72 -20.10 6.90
N GLU B 235 -31.02 -21.39 6.73
CA GLU B 235 -30.95 -22.36 7.80
C GLU B 235 -29.62 -23.10 7.81
N GLY B 236 -28.77 -22.80 6.85
CA GLY B 236 -27.46 -23.42 6.82
C GLY B 236 -27.32 -24.70 6.04
N GLN B 237 -28.27 -24.98 5.17
CA GLN B 237 -28.19 -26.19 4.38
C GLN B 237 -27.55 -25.93 3.00
N LEU B 238 -26.42 -26.60 2.76
CA LEU B 238 -25.69 -26.45 1.51
C LEU B 238 -26.26 -27.37 0.45
N PHE B 239 -26.47 -26.80 -0.73
CA PHE B 239 -27.00 -27.51 -1.90
C PHE B 239 -26.01 -27.23 -3.03
N THR B 240 -25.84 -28.16 -3.96
CA THR B 240 -24.96 -27.92 -5.09
C THR B 240 -25.52 -28.56 -6.34
N ARG B 241 -25.05 -28.11 -7.50
CA ARG B 241 -25.47 -28.69 -8.76
C ARG B 241 -24.83 -28.14 -10.00
N GLN B 242 -24.50 -29.05 -10.91
CA GLN B 242 -23.93 -28.71 -12.19
C GLN B 242 -25.09 -28.01 -12.93
N CYS B 243 -24.92 -26.75 -13.34
CA CYS B 243 -26.01 -26.02 -14.02
C CYS B 243 -25.70 -25.65 -15.46
N ALA B 244 -24.74 -26.35 -16.03
CA ALA B 244 -24.30 -26.11 -17.39
C ALA B 244 -24.32 -27.43 -18.14
N ASP B 245 -24.60 -27.37 -19.43
CA ASP B 245 -24.67 -28.55 -20.28
C ASP B 245 -23.32 -29.14 -20.56
N ASN B 246 -22.34 -28.29 -20.83
CA ASN B 246 -21.01 -28.80 -21.13
C ASN B 246 -19.94 -28.10 -20.30
N PRO B 247 -20.04 -28.20 -18.96
CA PRO B 247 -19.08 -27.58 -18.05
C PRO B 247 -17.65 -28.01 -18.31
N VAL B 248 -16.75 -27.03 -18.40
CA VAL B 248 -15.35 -27.32 -18.62
C VAL B 248 -14.45 -26.34 -17.83
N SER B 249 -13.29 -26.84 -17.43
CA SER B 249 -12.34 -26.10 -16.65
C SER B 249 -11.29 -25.37 -17.49
N ASN B 250 -11.53 -24.09 -17.74
CA ASN B 250 -10.65 -23.21 -18.53
C ASN B 250 -10.37 -21.96 -17.69
N PRO B 251 -9.61 -22.10 -16.58
CA PRO B 251 -9.28 -21.00 -15.65
C PRO B 251 -8.60 -19.80 -16.32
N CYS B 252 -8.86 -18.59 -15.83
CA CYS B 252 -8.21 -17.42 -16.40
C CYS B 252 -6.69 -17.50 -16.12
N LEU B 253 -5.89 -17.40 -17.17
CA LEU B 253 -4.46 -17.49 -16.99
C LEU B 253 -3.86 -16.22 -16.46
N PHE B 254 -4.49 -15.10 -16.77
CA PHE B 254 -3.97 -13.82 -16.32
C PHE B 254 -4.06 -13.78 -14.80
N GLU B 255 -4.98 -14.57 -14.24
CA GLU B 255 -5.15 -14.64 -12.79
C GLU B 255 -3.89 -15.12 -12.14
N TYR B 256 -3.20 -16.06 -12.78
CA TYR B 256 -1.93 -16.63 -12.27
C TYR B 256 -0.75 -15.71 -12.54
N VAL B 257 -0.71 -15.17 -13.74
CA VAL B 257 0.33 -14.26 -14.15
C VAL B 257 0.35 -13.02 -13.26
N TYR B 258 -0.82 -12.40 -13.12
CA TYR B 258 -0.89 -11.13 -12.41
C TYR B 258 -1.99 -10.77 -11.42
N PHE B 259 -3.24 -11.12 -11.73
CA PHE B 259 -4.39 -10.72 -10.92
C PHE B 259 -4.53 -11.13 -9.45
N ALA B 260 -4.42 -12.43 -9.21
CA ALA B 260 -4.60 -13.00 -7.89
C ALA B 260 -3.39 -12.77 -7.01
N ARG B 261 -3.62 -12.87 -5.69
CA ARG B 261 -2.56 -12.76 -4.71
C ARG B 261 -1.81 -14.09 -4.77
N PRO B 262 -0.49 -14.03 -4.64
CA PRO B 262 0.34 -15.23 -4.69
C PRO B 262 -0.10 -16.32 -3.70
N ASP B 263 -0.65 -15.90 -2.57
CA ASP B 263 -1.09 -16.82 -1.54
C ASP B 263 -2.46 -17.46 -1.77
N SER B 264 -2.99 -17.33 -2.97
CA SER B 264 -4.26 -17.97 -3.24
C SER B 264 -4.03 -19.26 -4.05
N PHE B 265 -4.98 -20.20 -3.92
CA PHE B 265 -4.92 -21.45 -4.66
C PHE B 265 -6.13 -21.48 -5.56
N ILE B 266 -5.92 -21.13 -6.82
CA ILE B 266 -7.01 -21.12 -7.77
C ILE B 266 -7.02 -22.46 -8.52
N ASP B 267 -8.15 -23.16 -8.48
CA ASP B 267 -8.32 -24.47 -9.13
C ASP B 267 -7.19 -25.41 -8.83
N LYS B 268 -6.89 -25.49 -7.55
CA LYS B 268 -5.83 -26.35 -7.03
C LYS B 268 -4.44 -25.89 -7.47
N ILE B 269 -4.34 -24.66 -7.97
CA ILE B 269 -3.05 -24.13 -8.40
C ILE B 269 -2.66 -22.93 -7.55
N SER B 270 -1.59 -23.14 -6.78
CA SER B 270 -1.04 -22.13 -5.92
C SER B 270 -0.53 -21.07 -6.88
N VAL B 271 -1.18 -19.91 -6.87
CA VAL B 271 -0.75 -18.81 -7.70
C VAL B 271 0.73 -18.57 -7.41
N TYR B 272 1.10 -18.70 -6.16
CA TYR B 272 2.48 -18.52 -5.73
C TYR B 272 3.47 -19.43 -6.50
N SER B 273 3.13 -20.71 -6.56
CA SER B 273 3.97 -21.70 -7.23
C SER B 273 3.92 -21.49 -8.72
N ALA B 274 2.75 -21.23 -9.26
CA ALA B 274 2.64 -21.02 -10.70
C ALA B 274 3.58 -19.88 -11.08
N ARG B 275 3.61 -18.85 -10.24
CA ARG B 275 4.45 -17.69 -10.49
C ARG B 275 5.92 -18.03 -10.32
N VAL B 276 6.23 -18.95 -9.40
CA VAL B 276 7.60 -19.39 -9.20
C VAL B 276 7.96 -20.24 -10.42
N ASN B 277 7.06 -21.11 -10.83
CA ASN B 277 7.26 -21.96 -12.00
C ASN B 277 7.50 -21.06 -13.21
N MET B 278 6.80 -19.92 -13.24
CA MET B 278 6.95 -18.95 -14.33
C MET B 278 8.36 -18.39 -14.32
N GLY B 279 8.89 -18.24 -13.11
CA GLY B 279 10.24 -17.73 -12.95
C GLY B 279 11.20 -18.78 -13.46
N THR B 280 10.88 -20.05 -13.23
CA THR B 280 11.73 -21.15 -13.67
C THR B 280 11.79 -21.19 -15.20
N LYS B 281 10.64 -21.29 -15.85
CA LYS B 281 10.57 -21.34 -17.29
C LYS B 281 11.21 -20.15 -17.99
N LEU B 282 10.98 -18.96 -17.44
CA LEU B 282 11.54 -17.73 -18.00
C LEU B 282 13.05 -17.65 -17.84
N GLY B 283 13.55 -17.94 -16.65
CA GLY B 283 14.99 -17.93 -16.42
C GLY B 283 15.65 -18.95 -17.33
N GLU B 284 14.96 -20.08 -17.58
CA GLU B 284 15.46 -21.13 -18.48
C GLU B 284 15.52 -20.61 -19.90
N LYS B 285 14.50 -19.87 -20.31
CA LYS B 285 14.44 -19.28 -21.65
C LYS B 285 15.56 -18.23 -21.80
N ILE B 286 15.76 -17.45 -20.75
CA ILE B 286 16.80 -16.44 -20.74
C ILE B 286 18.16 -17.15 -20.83
N ALA B 287 18.39 -18.16 -19.99
CA ALA B 287 19.66 -18.89 -20.01
C ALA B 287 19.96 -19.45 -21.38
N ARG B 288 18.93 -19.96 -22.04
CA ARG B 288 19.03 -20.53 -23.38
C ARG B 288 19.14 -19.51 -24.51
N GLU B 289 18.44 -18.38 -24.43
CA GLU B 289 18.49 -17.41 -25.52
C GLU B 289 19.35 -16.20 -25.29
N TRP B 290 19.61 -15.90 -24.03
CA TRP B 290 20.43 -14.77 -23.64
C TRP B 290 21.64 -15.30 -22.90
N GLU B 291 22.14 -16.45 -23.31
CA GLU B 291 23.27 -17.08 -22.64
C GLU B 291 24.58 -16.31 -22.66
N ASP B 292 24.73 -15.39 -23.60
CA ASP B 292 25.96 -14.61 -23.67
C ASP B 292 25.88 -13.43 -22.72
N LEU B 293 24.69 -12.85 -22.62
CA LEU B 293 24.43 -11.68 -21.81
C LEU B 293 25.21 -11.51 -20.51
N ASP B 294 25.64 -10.28 -20.28
CA ASP B 294 26.40 -9.96 -19.08
C ASP B 294 25.45 -9.26 -18.12
N ILE B 295 25.04 -9.96 -17.07
CA ILE B 295 24.12 -9.38 -16.10
C ILE B 295 24.76 -9.23 -14.73
N ASP B 296 24.65 -8.05 -14.14
CA ASP B 296 25.22 -7.81 -12.83
C ASP B 296 24.23 -8.00 -11.70
N VAL B 297 22.95 -7.76 -11.96
CA VAL B 297 21.96 -7.90 -10.90
C VAL B 297 20.56 -8.15 -11.48
N VAL B 298 19.71 -8.90 -10.75
CA VAL B 298 18.33 -9.15 -11.20
C VAL B 298 17.36 -8.35 -10.32
N ILE B 299 16.76 -7.32 -10.90
CA ILE B 299 15.85 -6.45 -10.18
C ILE B 299 14.38 -6.65 -10.59
N PRO B 300 13.48 -6.88 -9.61
CA PRO B 300 12.06 -7.07 -9.87
C PRO B 300 11.33 -5.74 -9.85
N ILE B 301 10.26 -5.66 -10.62
CA ILE B 301 9.44 -4.47 -10.66
C ILE B 301 8.29 -4.85 -9.71
N PRO B 302 8.33 -4.34 -8.46
CA PRO B 302 7.31 -4.64 -7.44
C PRO B 302 5.93 -4.22 -7.92
N GLU B 303 4.89 -4.90 -7.45
CA GLU B 303 4.98 -5.98 -6.49
C GLU B 303 4.90 -7.40 -7.09
N THR B 304 4.02 -7.57 -8.06
CA THR B 304 3.75 -8.86 -8.69
C THR B 304 4.89 -9.75 -9.14
N SER B 305 5.90 -9.15 -9.77
CA SER B 305 7.00 -9.93 -10.32
C SER B 305 8.04 -10.45 -9.39
N CYS B 306 8.11 -9.95 -8.19
CA CYS B 306 9.14 -10.36 -7.22
C CYS B 306 9.53 -11.82 -7.09
N ASP B 307 8.60 -12.69 -6.75
CA ASP B 307 8.96 -14.10 -6.61
C ASP B 307 9.39 -14.66 -7.95
N ILE B 308 8.73 -14.22 -9.02
CA ILE B 308 9.04 -14.66 -10.38
C ILE B 308 10.48 -14.25 -10.61
N ALA B 309 10.81 -13.02 -10.25
CA ALA B 309 12.18 -12.51 -10.40
C ALA B 309 13.19 -13.25 -9.49
N LEU B 310 12.76 -13.55 -8.27
CA LEU B 310 13.57 -14.22 -7.27
C LEU B 310 14.03 -15.55 -7.80
N GLU B 311 13.08 -16.26 -8.39
CA GLU B 311 13.35 -17.57 -8.96
C GLU B 311 14.30 -17.42 -10.15
N ILE B 312 14.07 -16.38 -10.96
CA ILE B 312 14.93 -16.15 -12.10
C ILE B 312 16.36 -15.85 -11.66
N ALA B 313 16.51 -15.11 -10.55
CA ALA B 313 17.84 -14.78 -10.04
C ALA B 313 18.57 -16.09 -9.67
N ARG B 314 17.85 -16.97 -9.00
CA ARG B 314 18.36 -18.27 -8.60
C ARG B 314 18.74 -19.09 -9.84
N ILE B 315 17.83 -19.20 -10.80
CA ILE B 315 18.13 -19.96 -12.00
C ILE B 315 19.40 -19.43 -12.74
N LEU B 316 19.51 -18.11 -12.86
CA LEU B 316 20.66 -17.54 -13.55
C LEU B 316 21.84 -17.48 -12.64
N GLY B 317 21.61 -17.80 -11.37
CA GLY B 317 22.67 -17.74 -10.38
C GLY B 317 23.23 -16.33 -10.31
N LYS B 318 22.33 -15.35 -10.31
CA LYS B 318 22.69 -13.95 -10.21
C LYS B 318 21.97 -13.43 -8.97
N PRO B 319 22.36 -12.25 -8.46
CA PRO B 319 21.73 -11.71 -7.26
C PRO B 319 20.39 -11.07 -7.53
N TYR B 320 19.51 -11.15 -6.54
CA TYR B 320 18.19 -10.55 -6.63
C TYR B 320 18.20 -9.29 -5.74
N ARG B 321 18.07 -8.10 -6.31
CA ARG B 321 18.10 -6.90 -5.48
C ARG B 321 16.85 -6.04 -5.64
N GLN B 322 16.39 -5.47 -4.55
CA GLN B 322 15.20 -4.64 -4.61
C GLN B 322 15.64 -3.24 -4.92
N GLY B 323 15.99 -3.03 -6.19
CA GLY B 323 16.45 -1.75 -6.67
C GLY B 323 15.37 -0.72 -6.63
N PHE B 324 14.13 -1.13 -6.85
CA PHE B 324 13.01 -0.21 -6.83
C PHE B 324 12.27 -0.21 -5.53
N VAL B 325 12.13 0.96 -4.92
CA VAL B 325 11.37 1.10 -3.67
C VAL B 325 9.91 1.42 -4.08
N LYS B 326 8.96 0.59 -3.68
CA LYS B 326 7.56 0.83 -4.03
C LYS B 326 6.87 1.79 -3.01
N ASN B 327 6.05 2.72 -3.49
CA ASN B 327 5.33 3.60 -2.57
C ASN B 327 4.18 2.75 -2.10
N ARG B 328 4.10 2.58 -0.78
CA ARG B 328 3.07 1.77 -0.20
C ARG B 328 1.68 2.41 -0.12
N TYR B 329 1.55 3.61 -0.70
CA TYR B 329 0.29 4.35 -0.74
C TYR B 329 -0.18 4.60 -2.20
N VAL B 330 0.37 3.82 -3.11
CA VAL B 330 -0.02 3.87 -4.51
C VAL B 330 -0.37 2.41 -4.82
N GLY B 331 -1.50 2.20 -5.47
CA GLY B 331 -1.93 0.86 -5.77
C GLY B 331 -1.42 0.30 -7.07
N ARG B 332 -2.20 -0.60 -7.62
CA ARG B 332 -1.87 -1.23 -8.87
C ARG B 332 -2.27 -0.32 -10.05
N THR B 333 -1.27 0.25 -10.72
CA THR B 333 -1.49 1.13 -11.87
C THR B 333 -2.34 0.42 -12.93
N PHE B 334 -1.97 -0.82 -13.26
CA PHE B 334 -2.65 -1.60 -14.29
C PHE B 334 -4.16 -1.62 -14.17
N ILE B 335 -4.68 -1.85 -12.97
CA ILE B 335 -6.14 -1.87 -12.82
C ILE B 335 -6.76 -0.49 -12.61
N MET B 336 -5.97 0.57 -12.75
CA MET B 336 -6.48 1.93 -12.62
C MET B 336 -7.24 2.23 -13.92
N PRO B 337 -8.32 3.05 -13.83
CA PRO B 337 -9.18 3.44 -14.95
C PRO B 337 -8.61 4.16 -16.19
N GLY B 338 -7.94 5.30 -15.97
CA GLY B 338 -7.40 6.06 -17.10
C GLY B 338 -5.92 5.89 -17.34
N GLN B 339 -5.53 5.93 -18.62
CA GLN B 339 -4.12 5.78 -18.99
C GLN B 339 -3.23 6.87 -18.45
N GLN B 340 -3.74 8.09 -18.33
CA GLN B 340 -2.90 9.15 -17.81
C GLN B 340 -2.74 8.99 -16.31
N LEU B 341 -3.79 8.48 -15.68
CA LEU B 341 -3.74 8.23 -14.24
C LEU B 341 -2.73 7.12 -13.98
N ARG B 342 -2.74 6.09 -14.82
CA ARG B 342 -1.82 4.97 -14.71
C ARG B 342 -0.40 5.36 -15.06
N ARG B 343 -0.26 6.08 -16.17
CA ARG B 343 1.03 6.53 -16.69
C ARG B 343 1.81 7.27 -15.61
N LYS B 344 1.12 8.18 -14.92
CA LYS B 344 1.71 8.98 -13.84
C LYS B 344 1.90 8.19 -12.56
N SER B 345 0.96 7.28 -12.32
CA SER B 345 1.00 6.43 -11.13
C SER B 345 2.32 5.74 -11.08
N VAL B 346 2.78 5.27 -12.24
CA VAL B 346 4.05 4.59 -12.34
C VAL B 346 5.23 5.41 -11.76
N ARG B 347 5.25 6.72 -11.97
CA ARG B 347 6.36 7.54 -11.44
C ARG B 347 6.22 7.83 -9.93
N ARG B 348 5.01 7.70 -9.40
CA ARG B 348 4.76 7.96 -7.98
C ARG B 348 4.82 6.69 -7.17
N LYS B 349 4.77 5.55 -7.86
CA LYS B 349 4.77 4.24 -7.21
C LYS B 349 6.15 3.63 -7.04
N LEU B 350 7.05 3.92 -7.98
CA LEU B 350 8.38 3.35 -7.93
C LEU B 350 9.51 4.38 -8.00
N ASN B 351 10.58 4.12 -7.25
CA ASN B 351 11.75 4.98 -7.23
C ASN B 351 12.99 4.12 -6.97
N ALA B 352 13.96 4.27 -7.85
CA ALA B 352 15.18 3.50 -7.75
C ALA B 352 16.07 3.82 -6.58
N ASN B 353 16.71 2.77 -6.08
CA ASN B 353 17.71 2.90 -5.03
C ASN B 353 18.90 3.01 -5.99
N ARG B 354 19.24 4.26 -6.34
CA ARG B 354 20.33 4.59 -7.26
C ARG B 354 21.57 3.66 -7.26
N ALA B 355 22.04 3.30 -6.08
CA ALA B 355 23.20 2.44 -5.91
C ALA B 355 23.05 1.09 -6.61
N GLU B 356 21.80 0.64 -6.76
CA GLU B 356 21.54 -0.65 -7.38
C GLU B 356 21.66 -0.67 -8.88
N PHE B 357 21.71 0.49 -9.51
CA PHE B 357 21.80 0.51 -10.96
C PHE B 357 23.13 1.05 -11.52
N ARG B 358 23.73 1.96 -10.77
CA ARG B 358 24.99 2.57 -11.16
C ARG B 358 26.02 1.56 -11.69
N ASP B 359 26.54 1.79 -12.90
CA ASP B 359 27.55 0.93 -13.52
C ASP B 359 27.20 -0.53 -13.46
N LYS B 360 25.92 -0.82 -13.72
CA LYS B 360 25.41 -2.20 -13.70
C LYS B 360 24.53 -2.52 -14.89
N ASN B 361 24.72 -3.72 -15.45
CA ASN B 361 23.86 -4.15 -16.53
C ASN B 361 22.79 -4.85 -15.71
N VAL B 362 21.57 -4.33 -15.70
CA VAL B 362 20.53 -4.97 -14.91
C VAL B 362 19.49 -5.69 -15.75
N LEU B 363 18.91 -6.74 -15.17
CA LEU B 363 17.86 -7.44 -15.85
C LEU B 363 16.65 -7.10 -15.04
N LEU B 364 15.73 -6.38 -15.66
CA LEU B 364 14.50 -6.03 -15.00
C LEU B 364 13.56 -7.17 -15.38
N VAL B 365 12.78 -7.60 -14.42
CA VAL B 365 11.82 -8.68 -14.61
C VAL B 365 10.44 -8.21 -14.12
N ASP B 366 9.42 -8.40 -14.96
CA ASP B 366 8.05 -8.06 -14.58
C ASP B 366 7.13 -9.24 -14.94
N ASP B 367 6.02 -9.38 -14.21
CA ASP B 367 5.08 -10.47 -14.48
C ASP B 367 4.58 -10.40 -15.90
N SER B 368 4.32 -9.18 -16.35
CA SER B 368 3.81 -8.98 -17.68
C SER B 368 4.00 -7.57 -18.19
N ILE B 369 3.79 -7.44 -19.49
CA ILE B 369 3.85 -6.16 -20.19
C ILE B 369 2.49 -6.15 -20.85
N VAL B 370 1.77 -5.06 -20.63
CA VAL B 370 0.45 -4.93 -21.18
C VAL B 370 0.36 -3.68 -22.03
N ARG B 371 0.12 -2.53 -21.42
CA ARG B 371 0.06 -1.34 -22.22
C ARG B 371 1.46 -0.82 -22.51
N GLY B 372 2.41 -1.19 -21.66
CA GLY B 372 3.78 -0.73 -21.82
C GLY B 372 4.05 0.37 -20.79
N THR B 373 2.96 0.82 -20.19
CA THR B 373 2.89 1.87 -19.17
C THR B 373 4.08 1.85 -18.19
N THR B 374 4.22 0.73 -17.51
CA THR B 374 5.26 0.55 -16.53
C THR B 374 6.68 0.51 -17.13
N SER B 375 6.93 -0.52 -17.96
CA SER B 375 8.22 -0.77 -18.59
C SER B 375 8.85 0.49 -19.15
N GLU B 376 8.02 1.31 -19.79
CA GLU B 376 8.48 2.57 -20.38
C GLU B 376 9.25 3.37 -19.32
N GLN B 377 8.54 3.83 -18.30
CA GLN B 377 9.13 4.64 -17.25
C GLN B 377 10.21 3.95 -16.45
N ILE B 378 9.96 2.70 -16.08
CA ILE B 378 10.89 1.93 -15.28
C ILE B 378 12.30 1.94 -15.86
N ILE B 379 12.40 1.70 -17.17
CA ILE B 379 13.70 1.67 -17.84
C ILE B 379 14.38 3.03 -17.77
N GLU B 380 13.64 4.12 -18.02
CA GLU B 380 14.24 5.46 -17.98
C GLU B 380 14.81 5.61 -16.60
N MET B 381 13.98 5.29 -15.62
CA MET B 381 14.38 5.37 -14.22
C MET B 381 15.66 4.57 -14.03
N ALA B 382 15.67 3.35 -14.50
CA ALA B 382 16.82 2.49 -14.36
C ALA B 382 18.03 3.20 -14.95
N ARG B 383 17.87 3.81 -16.13
CA ARG B 383 18.94 4.54 -16.79
C ARG B 383 19.42 5.75 -15.96
N GLU B 384 18.48 6.63 -15.64
CA GLU B 384 18.75 7.83 -14.86
C GLU B 384 19.53 7.51 -13.59
N ALA B 385 19.45 6.27 -13.10
CA ALA B 385 20.17 5.88 -11.89
C ALA B 385 21.53 5.25 -12.19
N GLY B 386 21.93 5.33 -13.46
CA GLY B 386 23.22 4.80 -13.86
C GLY B 386 23.32 3.36 -14.34
N ALA B 387 22.21 2.78 -14.77
CA ALA B 387 22.29 1.43 -15.24
C ALA B 387 23.09 1.51 -16.54
N LYS B 388 24.07 0.63 -16.69
CA LYS B 388 24.86 0.61 -17.92
C LYS B 388 23.92 0.13 -19.02
N LYS B 389 23.36 -1.06 -18.82
CA LYS B 389 22.43 -1.65 -19.76
C LYS B 389 21.26 -2.23 -18.99
N VAL B 390 20.07 -2.18 -19.57
CA VAL B 390 18.88 -2.74 -18.96
C VAL B 390 18.10 -3.64 -19.91
N TYR B 391 17.90 -4.86 -19.44
CA TYR B 391 17.19 -5.86 -20.18
C TYR B 391 15.87 -6.04 -19.44
N LEU B 392 14.87 -6.58 -20.13
CA LEU B 392 13.58 -6.79 -19.55
C LEU B 392 13.02 -8.13 -19.94
N ALA B 393 12.72 -8.94 -18.93
CA ALA B 393 12.13 -10.25 -19.15
C ALA B 393 10.66 -10.17 -18.62
N SER B 394 9.74 -10.69 -19.42
CA SER B 394 8.32 -10.69 -19.12
C SER B 394 7.88 -12.10 -18.77
N ALA B 395 7.36 -12.28 -17.56
CA ALA B 395 6.89 -13.61 -17.13
C ALA B 395 5.73 -14.11 -17.99
N ALA B 396 5.10 -13.18 -18.69
CA ALA B 396 3.99 -13.52 -19.57
C ALA B 396 4.34 -13.25 -21.06
N PRO B 397 3.75 -14.05 -21.97
CA PRO B 397 3.98 -13.88 -23.41
C PRO B 397 3.44 -12.52 -23.80
N GLU B 398 3.73 -12.09 -25.03
CA GLU B 398 3.24 -10.81 -25.52
C GLU B 398 1.70 -10.85 -25.35
N ILE B 399 1.10 -9.73 -24.99
CA ILE B 399 -0.34 -9.65 -24.78
C ILE B 399 -0.89 -8.84 -25.92
N ARG B 400 -1.43 -9.53 -26.92
CA ARG B 400 -1.93 -8.90 -28.13
C ARG B 400 -3.43 -8.86 -28.41
N PHE B 401 -4.24 -9.42 -27.52
CA PHE B 401 -5.68 -9.44 -27.74
C PHE B 401 -6.44 -8.97 -26.54
N PRO B 402 -7.62 -8.39 -26.77
CA PRO B 402 -8.56 -7.85 -25.79
C PRO B 402 -9.07 -8.91 -24.81
N ASN B 403 -9.29 -8.50 -23.58
CA ASN B 403 -9.86 -9.43 -22.63
C ASN B 403 -11.32 -9.04 -22.55
N VAL B 404 -12.19 -10.02 -22.68
CA VAL B 404 -13.61 -9.76 -22.62
C VAL B 404 -14.21 -10.62 -21.52
N TYR B 405 -13.38 -11.12 -20.60
CA TYR B 405 -13.89 -11.95 -19.51
C TYR B 405 -13.78 -11.38 -18.09
N GLY B 406 -13.48 -10.10 -17.95
CA GLY B 406 -13.39 -9.54 -16.63
C GLY B 406 -12.17 -8.67 -16.40
N ILE B 407 -11.38 -8.47 -17.45
CA ILE B 407 -10.20 -7.62 -17.34
C ILE B 407 -10.32 -6.53 -18.42
N ASP B 408 -10.05 -5.29 -18.01
CA ASP B 408 -10.19 -4.15 -18.91
C ASP B 408 -9.16 -3.97 -20.01
N MET B 409 -9.37 -4.73 -21.09
CA MET B 409 -8.54 -4.69 -22.27
C MET B 409 -9.51 -4.79 -23.44
N PRO B 410 -10.30 -3.72 -23.69
CA PRO B 410 -11.29 -3.64 -24.76
C PRO B 410 -10.72 -3.20 -26.10
N SER B 411 -9.56 -2.54 -26.01
CA SER B 411 -8.86 -2.01 -27.16
C SER B 411 -7.50 -2.62 -27.38
N ALA B 412 -7.43 -3.47 -28.41
CA ALA B 412 -6.20 -4.15 -28.78
C ALA B 412 -5.11 -3.15 -29.08
N THR B 413 -5.49 -2.03 -29.66
CA THR B 413 -4.54 -1.00 -30.05
C THR B 413 -3.87 -0.36 -28.85
N GLU B 414 -4.40 -0.63 -27.67
CA GLU B 414 -3.81 -0.08 -26.46
C GLU B 414 -2.70 -0.93 -25.89
N LEU B 415 -2.61 -2.16 -26.38
CA LEU B 415 -1.61 -3.09 -25.94
C LEU B 415 -0.35 -2.79 -26.73
N ILE B 416 0.78 -2.74 -26.05
CA ILE B 416 2.02 -2.42 -26.73
C ILE B 416 2.46 -3.50 -27.71
N ALA B 417 2.16 -4.75 -27.39
CA ALA B 417 2.55 -5.85 -28.25
C ALA B 417 1.65 -5.97 -29.45
N HIS B 418 0.56 -5.23 -29.49
CA HIS B 418 -0.32 -5.36 -30.63
C HIS B 418 0.36 -4.95 -31.94
N GLY B 419 0.28 -5.81 -32.95
CA GLY B 419 0.92 -5.52 -34.22
C GLY B 419 2.40 -5.15 -34.18
N ARG B 420 3.10 -5.58 -33.12
CA ARG B 420 4.52 -5.27 -32.98
C ARG B 420 5.34 -6.49 -32.70
N GLU B 421 6.56 -6.49 -33.23
CA GLU B 421 7.49 -7.59 -33.00
C GLU B 421 8.12 -7.30 -31.64
N VAL B 422 8.70 -8.34 -31.03
CA VAL B 422 9.37 -8.19 -29.74
C VAL B 422 10.42 -7.06 -29.85
N ASP B 423 11.18 -7.08 -30.94
CA ASP B 423 12.22 -6.07 -31.15
C ASP B 423 11.70 -4.65 -31.20
N GLU B 424 10.54 -4.44 -31.80
CA GLU B 424 9.96 -3.10 -31.89
C GLU B 424 9.57 -2.63 -30.49
N ILE B 425 8.93 -3.51 -29.73
CA ILE B 425 8.51 -3.24 -28.35
C ILE B 425 9.73 -2.87 -27.52
N ARG B 426 10.83 -3.60 -27.72
CA ARG B 426 12.08 -3.34 -27.01
C ARG B 426 12.55 -1.92 -27.29
N GLN B 427 12.48 -1.56 -28.56
CA GLN B 427 12.88 -0.25 -29.04
C GLN B 427 11.99 0.89 -28.51
N ILE B 428 10.71 0.60 -28.38
CA ILE B 428 9.74 1.57 -27.86
C ILE B 428 10.02 1.90 -26.39
N ILE B 429 10.11 0.86 -25.55
CA ILE B 429 10.38 1.03 -24.13
C ILE B 429 11.82 1.41 -23.88
N GLY B 430 12.65 1.24 -24.90
CA GLY B 430 14.06 1.60 -24.82
C GLY B 430 14.91 0.67 -23.95
N ALA B 431 14.72 -0.63 -24.12
CA ALA B 431 15.49 -1.61 -23.35
C ALA B 431 16.56 -2.16 -24.29
N ASP B 432 17.72 -2.50 -23.72
CA ASP B 432 18.78 -3.09 -24.51
C ASP B 432 18.35 -4.49 -24.96
N GLY B 433 17.48 -5.11 -24.19
CA GLY B 433 16.98 -6.43 -24.53
C GLY B 433 15.62 -6.59 -23.88
N LEU B 434 14.77 -7.40 -24.49
CA LEU B 434 13.44 -7.61 -23.97
C LEU B 434 13.06 -9.02 -24.33
N ILE B 435 12.69 -9.84 -23.35
CA ILE B 435 12.32 -11.22 -23.68
C ILE B 435 10.97 -11.61 -23.09
N PHE B 436 10.17 -12.36 -23.86
CA PHE B 436 8.85 -12.76 -23.41
C PHE B 436 8.75 -14.24 -23.11
N GLN B 437 8.00 -14.57 -22.07
CA GLN B 437 7.78 -15.96 -21.70
C GLN B 437 7.02 -16.59 -22.87
N ASP B 438 7.23 -17.89 -23.14
CA ASP B 438 6.53 -18.57 -24.24
C ASP B 438 5.22 -19.10 -23.70
N LEU B 439 4.17 -18.97 -24.50
CA LEU B 439 2.86 -19.40 -24.05
C LEU B 439 2.88 -20.83 -23.55
N ASN B 440 3.28 -21.74 -24.42
CA ASN B 440 3.35 -23.15 -24.10
C ASN B 440 4.08 -23.32 -22.76
N ASP B 441 5.10 -22.49 -22.50
CA ASP B 441 5.84 -22.61 -21.24
C ASP B 441 4.96 -22.24 -20.07
N LEU B 442 4.43 -21.02 -20.16
CA LEU B 442 3.55 -20.43 -19.16
C LEU B 442 2.47 -21.42 -18.82
N ILE B 443 1.92 -22.06 -19.83
CA ILE B 443 0.89 -23.05 -19.62
C ILE B 443 1.38 -24.20 -18.74
N ASP B 444 2.57 -24.74 -19.01
CA ASP B 444 3.13 -25.82 -18.17
C ASP B 444 3.44 -25.26 -16.82
N ALA B 445 3.94 -24.03 -16.79
CA ALA B 445 4.25 -23.38 -15.52
C ALA B 445 3.02 -23.50 -14.64
N VAL B 446 1.85 -23.20 -15.21
CA VAL B 446 0.63 -23.28 -14.40
C VAL B 446 0.13 -24.71 -14.24
N ARG B 447 -0.05 -25.41 -15.35
CA ARG B 447 -0.47 -26.82 -15.39
C ARG B 447 0.27 -27.72 -14.43
N ALA B 448 1.59 -27.56 -14.36
CA ALA B 448 2.43 -28.35 -13.48
C ALA B 448 1.79 -28.50 -12.10
N GLU B 449 0.98 -27.51 -11.73
CA GLU B 449 0.31 -27.50 -10.45
C GLU B 449 -0.95 -28.34 -10.45
N ASN B 450 -1.61 -28.43 -11.60
CA ASN B 450 -2.82 -29.25 -11.71
C ASN B 450 -2.96 -29.70 -13.14
N PRO B 451 -2.36 -30.85 -13.47
CA PRO B 451 -2.41 -31.40 -14.82
C PRO B 451 -3.83 -31.60 -15.31
N ASP B 452 -4.79 -31.72 -14.39
CA ASP B 452 -6.19 -31.93 -14.77
C ASP B 452 -6.63 -30.80 -15.72
N ILE B 453 -6.13 -29.59 -15.52
CA ILE B 453 -6.49 -28.46 -16.38
C ILE B 453 -5.89 -28.81 -17.74
N GLN B 454 -6.71 -28.97 -18.76
CA GLN B 454 -6.15 -29.30 -20.07
C GLN B 454 -5.83 -28.02 -20.82
N GLN B 455 -6.78 -27.08 -20.75
CA GLN B 455 -6.68 -25.83 -21.47
C GLN B 455 -7.09 -24.64 -20.59
N PHE B 456 -6.27 -23.60 -20.59
CA PHE B 456 -6.57 -22.39 -19.83
C PHE B 456 -7.32 -21.38 -20.68
N GLU B 457 -7.74 -20.28 -20.05
CA GLU B 457 -8.39 -19.21 -20.78
C GLU B 457 -7.23 -18.20 -20.92
N CYS B 458 -6.79 -17.96 -22.14
CA CYS B 458 -5.69 -17.04 -22.39
C CYS B 458 -5.85 -16.26 -23.68
N SER B 459 -7.05 -15.77 -23.89
CA SER B 459 -7.33 -15.02 -25.09
C SER B 459 -6.41 -13.83 -25.25
N VAL B 460 -6.13 -13.09 -24.16
CA VAL B 460 -5.28 -11.91 -24.30
C VAL B 460 -3.95 -12.27 -24.91
N PHE B 461 -3.59 -13.56 -24.84
CA PHE B 461 -2.32 -14.06 -25.38
C PHE B 461 -2.42 -14.69 -26.77
N ASN B 462 -3.51 -15.44 -27.02
CA ASN B 462 -3.66 -16.15 -28.28
C ASN B 462 -4.96 -15.89 -29.04
N GLY B 463 -5.75 -14.95 -28.54
CA GLY B 463 -6.98 -14.56 -29.20
C GLY B 463 -8.02 -15.62 -29.41
N VAL B 464 -7.84 -16.79 -28.81
CA VAL B 464 -8.88 -17.80 -28.93
C VAL B 464 -9.70 -17.68 -27.64
N TYR B 465 -10.93 -17.24 -27.84
CA TYR B 465 -11.88 -17.04 -26.78
C TYR B 465 -12.66 -18.34 -26.60
N VAL B 466 -12.64 -18.88 -25.39
CA VAL B 466 -13.31 -20.14 -25.12
C VAL B 466 -14.81 -20.13 -25.28
N THR B 467 -15.47 -19.03 -24.94
CA THR B 467 -16.93 -18.99 -25.07
C THR B 467 -17.41 -19.00 -26.51
N LYS B 468 -16.43 -19.06 -27.40
CA LYS B 468 -16.64 -19.13 -28.85
C LYS B 468 -17.23 -17.84 -29.45
N ASP B 469 -18.45 -17.51 -29.04
CA ASP B 469 -19.20 -16.33 -29.49
C ASP B 469 -18.50 -14.98 -29.71
N VAL B 470 -17.27 -14.82 -29.24
CA VAL B 470 -16.55 -13.56 -29.38
C VAL B 470 -15.99 -13.40 -30.77
N ASP B 471 -16.52 -12.44 -31.51
CA ASP B 471 -16.04 -12.21 -32.86
C ASP B 471 -15.55 -10.81 -33.07
N GLN B 472 -15.05 -10.57 -34.28
CA GLN B 472 -14.50 -9.30 -34.65
C GLN B 472 -15.46 -8.10 -34.56
N GLY B 473 -16.72 -8.32 -34.92
CA GLY B 473 -17.71 -7.26 -34.86
C GLY B 473 -17.95 -6.88 -33.42
N TYR B 474 -18.04 -7.87 -32.53
CA TYR B 474 -18.22 -7.60 -31.12
C TYR B 474 -16.99 -6.86 -30.66
N LEU B 475 -15.81 -7.41 -30.95
CA LEU B 475 -14.58 -6.75 -30.55
C LEU B 475 -14.52 -5.28 -31.03
N ASP B 476 -15.00 -5.02 -32.25
CA ASP B 476 -15.02 -3.67 -32.81
C ASP B 476 -15.88 -2.73 -31.98
N PHE B 477 -17.11 -3.16 -31.73
CA PHE B 477 -18.04 -2.38 -30.92
C PHE B 477 -17.32 -2.10 -29.63
N LEU B 478 -16.95 -3.18 -28.93
CA LEU B 478 -16.25 -3.09 -27.66
C LEU B 478 -15.15 -2.00 -27.68
N ASP B 479 -14.25 -2.02 -28.66
CA ASP B 479 -13.21 -1.00 -28.73
C ASP B 479 -13.80 0.40 -28.92
N THR B 480 -14.78 0.55 -29.79
CA THR B 480 -15.36 1.86 -30.02
C THR B 480 -15.83 2.50 -28.72
N LEU B 481 -16.35 1.68 -27.82
CA LEU B 481 -16.87 2.14 -26.54
C LEU B 481 -15.85 2.23 -25.42
N ARG B 482 -15.05 1.20 -25.25
CA ARG B 482 -14.08 1.17 -24.17
C ARG B 482 -12.64 1.63 -24.43
N ASN B 483 -12.36 2.18 -25.62
CA ASN B 483 -11.01 2.68 -25.87
C ASN B 483 -10.80 3.87 -24.91
N ASP B 484 -9.57 4.08 -24.47
CA ASP B 484 -9.23 5.13 -23.50
C ASP B 484 -9.82 6.52 -23.70
N ASP B 485 -9.94 6.98 -24.95
CA ASP B 485 -10.50 8.30 -25.25
C ASP B 485 -12.03 8.35 -25.11
N ALA B 486 -12.70 7.30 -25.59
CA ALA B 486 -14.16 7.18 -25.51
C ALA B 486 -14.55 7.14 -24.03
N LYS B 487 -13.71 6.47 -23.24
CA LYS B 487 -13.90 6.33 -21.80
C LYS B 487 -13.75 7.73 -21.18
N ALA B 488 -12.67 8.42 -21.55
CA ALA B 488 -12.37 9.76 -21.06
C ALA B 488 -13.51 10.74 -21.33
N VAL B 489 -14.03 10.75 -22.55
CA VAL B 489 -15.13 11.64 -22.94
C VAL B 489 -16.37 11.33 -22.07
N GLN B 490 -16.52 10.05 -21.70
CA GLN B 490 -17.64 9.60 -20.87
C GLN B 490 -17.45 10.10 -19.46
N ARG B 491 -16.18 10.31 -19.08
CA ARG B 491 -15.84 10.83 -17.76
C ARG B 491 -16.08 12.35 -17.77
N GLN B 492 -16.66 12.83 -18.86
CA GLN B 492 -17.00 14.24 -19.08
C GLN B 492 -15.80 15.17 -19.11
#